data_1I1Y
#
_entry.id   1I1Y
#
_cell.length_a   50.613
_cell.length_b   63.591
_cell.length_c   75.326
_cell.angle_alpha   81.93
_cell.angle_beta   75.94
_cell.angle_gamma   78.00
#
_symmetry.space_group_name_H-M   'P 1'
#
loop_
_entity.id
_entity.type
_entity.pdbx_description
1 polymer 'CLASS I HISTOCOMPATIBILITY ANTIGEN'
2 polymer 'BETA 2-MICROGLOBULIN'
3 polymer 'HIV-RT VARIANT PEPTIDE I1Y (YLKEPVHGV)'
4 water water
#
loop_
_entity_poly.entity_id
_entity_poly.type
_entity_poly.pdbx_seq_one_letter_code
_entity_poly.pdbx_strand_id
1 'polypeptide(L)'
;GSHSMRYFFTSVSRPGRGEPRFIAVGYVDDTQFVRFDSDAASQRMEPRAPWIEQEGPEYWDGETRKVKAHSQTHRVDLGT
LRGYYNQSEAGSHTVQRMYGCDVGSDWRFLRGYHQYAYDGKDYIALKEDLRSWTAADMAAQTTKHKWEAAHVAEQLRAYL
EGTCVEWLRRYLENGKETLQRTDAPKTHMTHHAVSDHEATLRCWALSFYPAEITLTWQRDGEDQTQDTELVETRPAGDGT
FQKWAAVVVPSGQEQRYTCHVQHEGLPKPLTLRWE
;
A,D
2 'polypeptide(L)'
;MIQRTPKIQVYSRHPAENGKSNFLNCYVSGFHPSDIEVDLLKNGERIEKVEHSDLSFSKDWSFYLLYYTEFTPTEKDEYA
CRVNHVTLSQPKIVKWDRDM
;
B,E
3 'polypeptide(L)' YLKEPVHGV C,F
#
# COMPACT_ATOMS: atom_id res chain seq x y z
N GLY A 1 18.34 6.52 -16.23
CA GLY A 1 18.55 7.75 -15.45
C GLY A 1 17.56 7.82 -14.26
N SER A 2 18.09 7.61 -13.04
CA SER A 2 17.25 7.71 -11.82
C SER A 2 16.79 9.17 -11.67
N HIS A 3 15.72 9.38 -10.94
CA HIS A 3 15.18 10.75 -10.76
C HIS A 3 14.58 10.94 -9.37
N SER A 4 14.41 12.17 -8.93
CA SER A 4 13.72 12.38 -7.65
C SER A 4 12.85 13.63 -7.71
N MET A 5 11.89 13.66 -6.77
CA MET A 5 11.05 14.83 -6.60
C MET A 5 11.20 15.29 -5.14
N ARG A 6 11.57 16.50 -4.80
CA ARG A 6 11.73 16.83 -3.38
C ARG A 6 11.16 18.17 -2.99
N TYR A 7 10.53 18.26 -1.82
CA TYR A 7 10.08 19.58 -1.33
C TYR A 7 10.94 19.93 -0.11
N PHE A 8 11.38 21.18 0.02
CA PHE A 8 12.20 21.61 1.18
C PHE A 8 11.43 22.74 1.87
N PHE A 9 11.16 22.63 3.17
CA PHE A 9 10.33 23.62 3.86
C PHE A 9 11.10 24.21 5.05
N THR A 10 11.26 25.52 5.09
CA THR A 10 11.95 26.22 6.14
C THR A 10 10.99 27.17 6.88
N SER A 11 10.95 27.06 8.17
CA SER A 11 10.08 27.88 9.03
C SER A 11 10.92 28.52 10.11
N VAL A 12 10.87 29.83 10.29
CA VAL A 12 11.66 30.56 11.28
C VAL A 12 10.81 31.51 12.14
N SER A 13 10.82 31.37 13.46
CA SER A 13 10.05 32.31 14.28
C SER A 13 10.80 33.62 14.39
N ARG A 14 10.04 34.70 14.46
CA ARG A 14 10.48 36.07 14.52
C ARG A 14 9.82 36.80 15.72
N PRO A 15 10.38 36.56 16.89
CA PRO A 15 9.83 37.07 18.14
C PRO A 15 9.71 38.58 18.14
N GLY A 16 8.48 39.05 18.25
CA GLY A 16 8.16 40.46 18.27
C GLY A 16 8.09 41.13 16.92
N ARG A 17 8.13 40.36 15.83
CA ARG A 17 8.10 40.96 14.50
C ARG A 17 6.90 40.40 13.74
N GLY A 18 6.03 39.70 14.45
CA GLY A 18 4.83 39.16 13.83
C GLY A 18 4.91 37.68 13.50
N GLU A 19 4.38 37.31 12.34
CA GLU A 19 4.34 35.90 11.96
C GLU A 19 5.72 35.38 11.52
N PRO A 20 5.92 34.09 11.74
CA PRO A 20 7.15 33.42 11.37
C PRO A 20 7.35 33.37 9.86
N ARG A 21 8.61 33.30 9.46
CA ARG A 21 8.94 33.19 8.04
C ARG A 21 8.69 31.76 7.59
N PHE A 22 8.14 31.57 6.40
CA PHE A 22 7.94 30.23 5.86
C PHE A 22 8.29 30.25 4.37
N ILE A 23 9.27 29.47 3.95
CA ILE A 23 9.62 29.28 2.56
C ILE A 23 9.39 27.83 2.12
N ALA A 24 8.71 27.61 0.99
CA ALA A 24 8.61 26.25 0.45
C ALA A 24 9.26 26.25 -0.93
N VAL A 25 10.08 25.26 -1.27
CA VAL A 25 10.65 25.12 -2.60
C VAL A 25 10.54 23.67 -3.07
N GLY A 26 10.25 23.49 -4.38
CA GLY A 26 10.13 22.16 -4.92
C GLY A 26 11.17 21.90 -5.99
N TYR A 27 11.71 20.68 -6.07
CA TYR A 27 12.71 20.35 -7.07
C TYR A 27 12.38 19.01 -7.76
N VAL A 28 12.82 18.91 -8.99
CA VAL A 28 12.82 17.65 -9.75
C VAL A 28 14.28 17.43 -10.11
N ASP A 29 14.88 16.44 -9.50
CA ASP A 29 16.33 16.22 -9.66
C ASP A 29 17.03 17.50 -9.15
N ASP A 30 17.84 18.11 -10.01
CA ASP A 30 18.60 19.32 -9.61
C ASP A 30 17.99 20.64 -10.15
N THR A 31 16.79 20.56 -10.70
CA THR A 31 16.10 21.75 -11.25
C THR A 31 14.95 22.18 -10.33
N GLN A 32 14.95 23.40 -9.79
CA GLN A 32 13.88 23.94 -8.95
C GLN A 32 12.67 24.25 -9.83
N PHE A 33 11.45 23.92 -9.40
CA PHE A 33 10.31 24.23 -10.28
C PHE A 33 9.24 25.09 -9.64
N VAL A 34 9.11 25.19 -8.32
CA VAL A 34 8.14 26.06 -7.67
C VAL A 34 8.71 26.67 -6.37
N ARG A 35 8.01 27.69 -5.86
CA ARG A 35 8.38 28.34 -4.63
C ARG A 35 7.15 28.99 -3.98
N PHE A 36 7.26 29.16 -2.67
CA PHE A 36 6.30 29.91 -1.91
C PHE A 36 7.11 30.70 -0.87
N ASP A 37 6.78 31.97 -0.75
CA ASP A 37 7.45 32.77 0.29
C ASP A 37 6.39 33.52 1.09
N SER A 38 6.29 33.27 2.38
CA SER A 38 5.44 33.95 3.32
C SER A 38 5.52 35.48 3.24
N ASP A 39 6.70 36.01 2.94
CA ASP A 39 6.89 37.44 2.88
C ASP A 39 6.61 38.02 1.50
N ALA A 40 6.27 37.25 0.49
CA ALA A 40 6.01 37.86 -0.82
C ALA A 40 4.56 38.31 -0.87
N ALA A 41 4.29 39.17 -1.84
CA ALA A 41 2.94 39.73 -1.97
C ALA A 41 1.89 38.84 -2.58
N SER A 42 2.25 37.92 -3.49
CA SER A 42 1.21 37.13 -4.15
C SER A 42 0.44 36.22 -3.23
N GLN A 43 1.18 35.62 -2.29
CA GLN A 43 0.60 34.64 -1.36
C GLN A 43 0.20 33.42 -2.19
N ARG A 44 0.99 33.04 -3.20
CA ARG A 44 0.66 31.90 -4.03
C ARG A 44 1.85 31.00 -4.33
N MET A 45 1.65 29.76 -4.68
CA MET A 45 2.73 28.91 -5.16
C MET A 45 3.12 29.51 -6.51
N GLU A 46 4.39 29.69 -6.84
CA GLU A 46 4.82 30.37 -8.05
C GLU A 46 5.77 29.52 -8.86
N PRO A 47 5.69 29.61 -10.19
CA PRO A 47 6.53 28.80 -11.05
C PRO A 47 7.97 29.26 -10.99
N ARG A 48 8.95 28.37 -11.08
CA ARG A 48 10.35 28.80 -11.05
C ARG A 48 11.09 28.15 -12.22
N ALA A 49 10.34 27.58 -13.16
CA ALA A 49 10.88 27.03 -14.38
C ALA A 49 9.79 27.06 -15.47
N PRO A 50 10.20 27.42 -16.68
CA PRO A 50 9.29 27.59 -17.80
C PRO A 50 8.35 26.42 -18.03
N TRP A 51 8.84 25.18 -18.01
CA TRP A 51 7.98 24.03 -18.26
C TRP A 51 6.78 23.89 -17.35
N ILE A 52 6.81 24.31 -16.09
CA ILE A 52 5.66 24.14 -15.21
C ILE A 52 4.65 25.26 -15.45
N GLU A 53 5.06 26.31 -16.19
CA GLU A 53 4.14 27.39 -16.47
C GLU A 53 2.95 26.97 -17.32
N GLN A 54 2.98 25.84 -18.00
CA GLN A 54 1.92 25.31 -18.81
C GLN A 54 0.81 24.63 -18.01
N GLU A 55 1.01 24.43 -16.71
CA GLU A 55 -0.06 23.88 -15.85
C GLU A 55 -1.08 24.99 -15.77
N GLY A 56 -2.37 24.73 -15.68
CA GLY A 56 -3.33 25.85 -15.63
C GLY A 56 -3.69 26.22 -14.20
N PRO A 57 -4.74 27.02 -14.06
CA PRO A 57 -5.21 27.52 -12.78
C PRO A 57 -5.65 26.44 -11.83
N GLU A 58 -6.22 25.30 -12.23
CA GLU A 58 -6.55 24.30 -11.21
C GLU A 58 -5.29 23.81 -10.51
N TYR A 59 -4.18 23.61 -11.28
CA TYR A 59 -2.92 23.15 -10.70
C TYR A 59 -2.42 24.16 -9.69
N TRP A 60 -2.24 25.39 -10.16
CA TRP A 60 -1.76 26.46 -9.28
C TRP A 60 -2.65 26.75 -8.09
N ASP A 61 -3.96 26.75 -8.24
CA ASP A 61 -4.86 27.04 -7.12
C ASP A 61 -4.74 25.93 -6.09
N GLY A 62 -4.56 24.69 -6.50
CA GLY A 62 -4.46 23.55 -5.61
C GLY A 62 -3.11 23.57 -4.87
N GLU A 63 -2.03 23.91 -5.57
CA GLU A 63 -0.71 23.91 -4.91
C GLU A 63 -0.63 25.04 -3.89
N THR A 64 -1.31 26.15 -4.20
CA THR A 64 -1.38 27.31 -3.31
C THR A 64 -2.19 26.91 -2.07
N ARG A 65 -3.31 26.23 -2.27
CA ARG A 65 -4.14 25.79 -1.15
C ARG A 65 -3.31 24.89 -0.24
N LYS A 66 -2.60 23.92 -0.77
CA LYS A 66 -1.83 22.97 0.05
C LYS A 66 -0.62 23.60 0.71
N VAL A 67 0.04 24.54 0.04
CA VAL A 67 1.20 25.21 0.62
C VAL A 67 0.82 26.11 1.79
N LYS A 68 -0.35 26.73 1.77
CA LYS A 68 -0.91 27.49 2.86
C LYS A 68 -1.24 26.57 4.06
N ALA A 69 -1.76 25.38 3.81
CA ALA A 69 -2.01 24.41 4.87
C ALA A 69 -0.69 23.96 5.51
N HIS A 70 0.36 23.68 4.72
CA HIS A 70 1.67 23.40 5.30
C HIS A 70 2.17 24.54 6.19
N SER A 71 2.10 25.76 5.70
CA SER A 71 2.53 26.94 6.46
C SER A 71 1.83 27.02 7.81
N GLN A 72 0.51 26.86 7.80
CA GLN A 72 -0.24 26.87 9.05
C GLN A 72 0.16 25.78 10.01
N THR A 73 0.47 24.57 9.54
CA THR A 73 0.93 23.55 10.47
C THR A 73 2.27 23.97 11.05
N HIS A 74 3.16 24.53 10.21
CA HIS A 74 4.48 24.95 10.71
C HIS A 74 4.36 26.12 11.67
N ARG A 75 3.36 26.97 11.53
CA ARG A 75 3.14 28.04 12.51
C ARG A 75 2.72 27.49 13.86
N VAL A 76 1.88 26.46 13.94
CA VAL A 76 1.50 25.88 15.23
C VAL A 76 2.66 25.08 15.81
N ASP A 77 3.41 24.41 14.93
CA ASP A 77 4.54 23.60 15.33
C ASP A 77 5.60 24.41 16.08
N LEU A 78 5.90 25.65 15.69
CA LEU A 78 6.92 26.41 16.39
C LEU A 78 6.61 26.60 17.89
N GLY A 79 5.33 26.80 18.21
CA GLY A 79 4.86 26.91 19.59
C GLY A 79 4.83 25.57 20.29
N THR A 80 4.44 24.50 19.62
CA THR A 80 4.44 23.18 20.26
C THR A 80 5.84 22.82 20.74
N LEU A 81 6.85 22.87 19.88
CA LEU A 81 8.23 22.49 20.19
C LEU A 81 8.82 23.34 21.30
N ARG A 82 8.51 24.63 21.27
CA ARG A 82 8.95 25.61 22.24
C ARG A 82 8.44 25.20 23.62
N GLY A 83 7.18 24.78 23.66
CA GLY A 83 6.61 24.21 24.87
C GLY A 83 7.29 22.88 25.20
N TYR A 84 7.55 22.01 24.22
CA TYR A 84 8.19 20.73 24.50
C TYR A 84 9.58 20.93 25.13
N TYR A 85 10.37 21.90 24.70
CA TYR A 85 11.71 22.11 25.25
C TYR A 85 11.75 23.15 26.37
N ASN A 86 10.59 23.63 26.77
CA ASN A 86 10.46 24.66 27.81
C ASN A 86 11.33 25.84 27.42
N GLN A 87 11.13 26.37 26.21
CA GLN A 87 11.93 27.47 25.70
C GLN A 87 11.28 28.82 25.84
N SER A 88 12.11 29.86 25.97
CA SER A 88 11.64 31.24 26.06
C SER A 88 10.96 31.68 24.77
N GLU A 89 10.01 32.61 24.84
CA GLU A 89 9.31 33.12 23.68
C GLU A 89 10.10 34.23 22.98
N ALA A 90 11.27 34.57 23.52
CA ALA A 90 12.11 35.58 22.92
C ALA A 90 13.13 35.08 21.89
N GLY A 91 13.51 33.80 21.87
CA GLY A 91 14.54 33.37 20.94
C GLY A 91 13.92 32.92 19.60
N SER A 92 14.67 33.11 18.53
CA SER A 92 14.29 32.69 17.19
C SER A 92 14.65 31.21 17.00
N HIS A 93 13.72 30.39 16.58
CA HIS A 93 13.97 28.97 16.37
C HIS A 93 13.73 28.61 14.90
N THR A 94 14.30 27.47 14.51
CA THR A 94 14.22 27.00 13.15
C THR A 94 13.68 25.59 13.01
N VAL A 95 12.66 25.47 12.16
CA VAL A 95 12.09 24.16 11.83
C VAL A 95 12.36 23.89 10.32
N GLN A 96 12.73 22.66 9.97
CA GLN A 96 12.93 22.30 8.56
C GLN A 96 12.24 20.96 8.31
N ARG A 97 11.63 20.84 7.13
CA ARG A 97 10.97 19.61 6.74
C ARG A 97 11.36 19.24 5.29
N MET A 98 11.64 17.97 5.05
CA MET A 98 11.96 17.54 3.69
C MET A 98 11.23 16.25 3.36
N TYR A 99 10.52 16.21 2.24
CA TYR A 99 9.92 14.94 1.84
C TYR A 99 9.96 14.80 0.32
N GLY A 100 9.83 13.54 -0.12
CA GLY A 100 9.83 13.29 -1.56
C GLY A 100 10.04 11.81 -1.86
N CYS A 101 10.25 11.50 -3.13
CA CYS A 101 10.48 10.17 -3.62
C CYS A 101 11.51 10.07 -4.75
N ASP A 102 12.15 8.91 -4.82
CA ASP A 102 13.10 8.60 -5.87
C ASP A 102 12.54 7.43 -6.67
N VAL A 103 12.83 7.41 -7.96
CA VAL A 103 12.47 6.33 -8.88
C VAL A 103 13.78 5.91 -9.58
N GLY A 104 13.90 4.65 -9.98
CA GLY A 104 15.13 4.22 -10.64
C GLY A 104 15.07 4.43 -12.15
N SER A 105 15.95 3.78 -12.90
CA SER A 105 16.07 3.98 -14.34
C SER A 105 14.84 3.46 -15.07
N ASP A 106 14.06 2.60 -14.44
CA ASP A 106 12.81 2.11 -14.95
C ASP A 106 11.64 3.03 -14.60
N TRP A 107 11.85 4.15 -13.95
CA TRP A 107 10.85 5.13 -13.55
C TRP A 107 9.92 4.53 -12.51
N ARG A 108 10.38 3.57 -11.73
CA ARG A 108 9.58 3.00 -10.66
C ARG A 108 10.12 3.26 -9.28
N PHE A 109 9.15 3.39 -8.38
CA PHE A 109 9.44 3.70 -6.98
C PHE A 109 10.65 2.99 -6.43
N LEU A 110 11.64 3.67 -5.89
CA LEU A 110 12.83 3.12 -5.28
C LEU A 110 12.88 3.44 -3.79
N ARG A 111 12.55 4.66 -3.36
CA ARG A 111 12.53 5.01 -1.95
C ARG A 111 11.75 6.32 -1.75
N GLY A 112 11.21 6.47 -0.54
CA GLY A 112 10.44 7.61 -0.08
C GLY A 112 10.99 8.10 1.25
N TYR A 113 10.90 9.41 1.50
CA TYR A 113 11.49 10.09 2.61
C TYR A 113 10.51 11.11 3.21
N HIS A 114 10.66 11.29 4.51
CA HIS A 114 9.96 12.33 5.25
C HIS A 114 10.75 12.55 6.55
N GLN A 115 11.51 13.62 6.58
CA GLN A 115 12.41 14.00 7.64
C GLN A 115 12.07 15.38 8.25
N TYR A 116 12.49 15.60 9.49
CA TYR A 116 12.07 16.82 10.19
C TYR A 116 13.14 17.20 11.21
N ALA A 117 13.52 18.48 11.21
CA ALA A 117 14.57 18.91 12.12
C ALA A 117 14.17 20.13 12.93
N TYR A 118 14.76 20.24 14.11
CA TYR A 118 14.52 21.38 15.00
C TYR A 118 15.87 22.04 15.32
N ASP A 119 16.03 23.30 14.94
CA ASP A 119 17.26 24.02 15.13
C ASP A 119 18.47 23.26 14.60
N GLY A 120 18.37 22.75 13.36
CA GLY A 120 19.48 22.14 12.65
C GLY A 120 19.86 20.74 13.04
N LYS A 121 19.10 20.06 13.89
CA LYS A 121 19.38 18.71 14.35
C LYS A 121 18.18 17.80 14.02
N ASP A 122 18.45 16.54 13.74
CA ASP A 122 17.41 15.57 13.47
C ASP A 122 16.40 15.58 14.62
N TYR A 123 15.13 15.70 14.27
CA TYR A 123 14.07 15.63 15.28
C TYR A 123 13.30 14.33 15.09
N ILE A 124 12.68 14.13 13.92
CA ILE A 124 11.93 12.89 13.68
C ILE A 124 11.99 12.51 12.21
N ALA A 125 12.17 11.23 11.89
CA ALA A 125 12.26 10.86 10.49
C ALA A 125 11.47 9.58 10.18
N LEU A 126 10.88 9.48 8.99
CA LEU A 126 10.22 8.22 8.62
C LEU A 126 11.29 7.20 8.25
N LYS A 127 11.25 5.96 8.74
CA LYS A 127 12.28 4.99 8.35
C LYS A 127 12.04 4.51 6.92
N GLU A 128 12.99 3.80 6.34
CA GLU A 128 12.94 3.40 4.94
C GLU A 128 11.77 2.49 4.64
N ASP A 129 11.35 1.70 5.63
CA ASP A 129 10.24 0.79 5.49
C ASP A 129 8.90 1.52 5.41
N LEU A 130 8.87 2.84 5.61
CA LEU A 130 7.70 3.68 5.54
C LEU A 130 6.63 3.26 6.53
N ARG A 131 6.97 2.63 7.65
CA ARG A 131 6.05 2.19 8.66
C ARG A 131 6.44 2.64 10.07
N SER A 132 7.72 2.92 10.29
CA SER A 132 8.18 3.28 11.62
C SER A 132 8.83 4.67 11.59
N TRP A 133 9.05 5.18 12.81
CA TRP A 133 9.64 6.48 13.03
C TRP A 133 10.92 6.43 13.87
N THR A 134 11.85 7.31 13.56
CA THR A 134 13.10 7.44 14.30
C THR A 134 13.00 8.75 15.12
N ALA A 135 12.85 8.61 16.44
CA ALA A 135 12.70 9.78 17.35
C ALA A 135 14.03 10.09 18.05
N ALA A 136 14.46 11.35 17.93
CA ALA A 136 15.78 11.79 18.44
C ALA A 136 15.84 12.04 19.95
N ASP A 137 14.70 12.33 20.57
CA ASP A 137 14.66 12.53 22.03
C ASP A 137 13.26 12.33 22.59
N MET A 138 13.09 12.61 23.89
CA MET A 138 11.75 12.39 24.46
C MET A 138 10.67 13.30 23.87
N ALA A 139 11.04 14.50 23.53
CA ALA A 139 10.09 15.41 22.88
C ALA A 139 9.65 14.76 21.56
N ALA A 140 10.64 14.26 20.84
CA ALA A 140 10.42 13.59 19.56
C ALA A 140 9.57 12.34 19.79
N GLN A 141 9.82 11.59 20.88
CA GLN A 141 9.08 10.39 21.19
C GLN A 141 7.62 10.76 21.39
N THR A 142 7.35 11.93 21.95
CA THR A 142 6.00 12.43 22.08
C THR A 142 5.33 12.76 20.75
N THR A 143 6.01 13.31 19.77
CA THR A 143 5.52 13.48 18.42
C THR A 143 5.28 12.11 17.79
N LYS A 144 6.19 11.17 18.07
CA LYS A 144 6.07 9.84 17.50
C LYS A 144 4.77 9.18 17.93
N HIS A 145 4.43 9.24 19.23
CA HIS A 145 3.21 8.60 19.73
C HIS A 145 1.97 9.23 19.13
N LYS A 146 1.96 10.52 18.94
CA LYS A 146 0.88 11.23 18.28
C LYS A 146 0.66 10.79 16.83
N TRP A 147 1.76 10.74 16.07
CA TRP A 147 1.73 10.35 14.68
C TRP A 147 1.40 8.86 14.55
N GLU A 148 1.76 8.10 15.60
CA GLU A 148 1.48 6.65 15.55
C GLU A 148 -0.02 6.42 15.70
N ALA A 149 -0.60 7.08 16.68
CA ALA A 149 -2.04 7.01 16.97
C ALA A 149 -2.93 7.57 15.87
N ALA A 150 -2.48 8.53 15.07
CA ALA A 150 -3.23 9.03 13.93
C ALA A 150 -2.87 8.30 12.64
N HIS A 151 -2.05 7.24 12.68
CA HIS A 151 -1.73 6.53 11.46
C HIS A 151 -1.16 7.45 10.38
N VAL A 152 -0.14 8.22 10.77
CA VAL A 152 0.47 9.16 9.82
C VAL A 152 1.35 8.44 8.82
N ALA A 153 2.14 7.49 9.31
CA ALA A 153 3.05 6.75 8.41
C ALA A 153 2.31 6.12 7.24
N GLU A 154 1.18 5.48 7.50
CA GLU A 154 0.41 4.80 6.45
C GLU A 154 -0.07 5.79 5.40
N GLN A 155 -0.39 7.00 5.86
CA GLN A 155 -0.86 8.02 4.92
C GLN A 155 0.28 8.54 4.06
N LEU A 156 1.45 8.74 4.65
CA LEU A 156 2.67 9.10 3.97
C LEU A 156 3.07 8.06 2.95
N ARG A 157 2.98 6.80 3.31
CA ARG A 157 3.37 5.70 2.39
C ARG A 157 2.55 5.68 1.11
N ALA A 158 1.24 5.90 1.27
CA ALA A 158 0.33 5.97 0.10
C ALA A 158 0.73 7.16 -0.76
N TYR A 159 1.11 8.29 -0.15
CA TYR A 159 1.59 9.41 -0.95
C TYR A 159 2.92 9.14 -1.62
N LEU A 160 3.95 8.73 -0.90
CA LEU A 160 5.29 8.59 -1.45
C LEU A 160 5.38 7.51 -2.51
N GLU A 161 4.71 6.39 -2.28
CA GLU A 161 4.68 5.30 -3.26
C GLU A 161 3.66 5.49 -4.37
N GLY A 162 2.66 6.36 -4.22
CA GLY A 162 1.63 6.54 -5.25
C GLY A 162 1.78 7.86 -6.02
N THR A 163 0.95 8.81 -5.60
CA THR A 163 0.93 10.19 -6.00
C THR A 163 2.30 10.80 -6.26
N CYS A 164 3.24 10.71 -5.33
CA CYS A 164 4.54 11.31 -5.52
C CYS A 164 5.17 10.88 -6.84
N VAL A 165 5.30 9.59 -7.09
CA VAL A 165 5.95 9.01 -8.26
C VAL A 165 5.13 9.22 -9.53
N GLU A 166 3.82 9.27 -9.40
CA GLU A 166 2.94 9.58 -10.53
C GLU A 166 3.20 10.99 -11.06
N TRP A 167 3.30 11.97 -10.18
CA TRP A 167 3.53 13.36 -10.56
C TRP A 167 4.98 13.58 -11.00
N LEU A 168 5.93 12.85 -10.40
CA LEU A 168 7.31 12.88 -10.87
C LEU A 168 7.36 12.51 -12.36
N ARG A 169 6.68 11.41 -12.67
CA ARG A 169 6.62 10.93 -14.05
C ARG A 169 5.94 11.95 -14.97
N ARG A 170 4.81 12.49 -14.53
CA ARG A 170 4.14 13.53 -15.31
C ARG A 170 5.07 14.71 -15.56
N TYR A 171 5.75 15.16 -14.51
CA TYR A 171 6.72 16.26 -14.64
C TYR A 171 7.86 15.91 -15.59
N LEU A 172 8.37 14.72 -15.51
CA LEU A 172 9.48 14.28 -16.38
C LEU A 172 9.02 14.30 -17.84
N GLU A 173 7.80 13.82 -18.10
CA GLU A 173 7.24 13.91 -19.44
C GLU A 173 7.00 15.36 -19.88
N ASN A 174 6.32 16.17 -19.07
CA ASN A 174 6.00 17.54 -19.44
C ASN A 174 7.23 18.43 -19.63
N GLY A 175 8.26 18.29 -18.81
CA GLY A 175 9.45 19.12 -18.90
C GLY A 175 10.59 18.31 -19.49
N LYS A 176 10.26 17.41 -20.41
CA LYS A 176 11.15 16.53 -21.10
C LYS A 176 12.49 17.15 -21.49
N GLU A 177 12.45 18.21 -22.29
CA GLU A 177 13.55 18.97 -22.82
C GLU A 177 14.49 19.52 -21.76
N THR A 178 13.95 19.99 -20.65
CA THR A 178 14.71 20.52 -19.54
C THR A 178 15.19 19.42 -18.63
N LEU A 179 14.28 18.57 -18.15
CA LEU A 179 14.59 17.56 -17.15
C LEU A 179 15.17 16.25 -17.62
N GLN A 180 14.83 15.84 -18.84
CA GLN A 180 15.41 14.60 -19.37
C GLN A 180 16.68 14.88 -20.17
N ARG A 181 17.34 16.02 -20.02
CA ARG A 181 18.54 16.31 -20.80
C ARG A 181 19.76 15.99 -19.96
N THR A 182 20.91 15.74 -20.57
CA THR A 182 22.13 15.74 -19.77
C THR A 182 23.06 16.74 -20.46
N ASP A 183 23.81 17.53 -19.71
CA ASP A 183 24.75 18.45 -20.35
C ASP A 183 26.16 17.98 -19.96
N ALA A 184 26.89 17.30 -20.83
CA ALA A 184 28.26 16.88 -20.55
C ALA A 184 29.09 18.08 -20.13
N PRO A 185 30.03 17.89 -19.22
CA PRO A 185 30.92 18.97 -18.80
C PRO A 185 31.84 19.47 -19.87
N LYS A 186 32.04 20.76 -19.93
CA LYS A 186 33.04 21.34 -20.85
C LYS A 186 34.33 21.42 -20.02
N THR A 187 35.38 20.71 -20.38
CA THR A 187 36.56 20.66 -19.53
C THR A 187 37.74 21.43 -20.08
N HIS A 188 38.58 21.95 -19.19
CA HIS A 188 39.86 22.54 -19.56
C HIS A 188 40.78 22.56 -18.34
N MET A 189 42.06 22.88 -18.52
CA MET A 189 43.00 22.92 -17.40
C MET A 189 43.74 24.27 -17.48
N THR A 190 44.16 24.79 -16.34
CA THR A 190 44.97 26.02 -16.34
C THR A 190 46.27 25.67 -15.60
N HIS A 191 47.32 26.44 -15.83
CA HIS A 191 48.64 26.26 -15.25
C HIS A 191 49.11 27.61 -14.72
N HIS A 192 49.38 27.77 -13.44
CA HIS A 192 49.78 29.08 -12.95
C HIS A 192 51.07 28.97 -12.14
N ALA A 193 52.16 29.55 -12.61
CA ALA A 193 53.41 29.44 -11.84
C ALA A 193 53.22 30.10 -10.47
N VAL A 194 53.41 29.36 -9.38
CA VAL A 194 53.27 29.95 -8.06
C VAL A 194 54.62 30.46 -7.57
N SER A 195 55.65 29.66 -7.74
CA SER A 195 57.03 29.95 -7.42
C SER A 195 57.88 29.43 -8.59
N ASP A 196 59.18 29.29 -8.39
CA ASP A 196 60.06 28.83 -9.45
C ASP A 196 60.29 27.34 -9.43
N HIS A 197 59.81 26.64 -8.41
CA HIS A 197 60.03 25.20 -8.33
C HIS A 197 58.73 24.43 -8.17
N GLU A 198 57.61 25.08 -8.45
CA GLU A 198 56.33 24.39 -8.39
C GLU A 198 55.24 25.21 -9.06
N ALA A 199 54.18 24.51 -9.45
CA ALA A 199 53.08 25.22 -10.10
C ALA A 199 51.73 24.57 -9.81
N THR A 200 50.70 25.42 -9.95
CA THR A 200 49.34 24.96 -9.71
C THR A 200 48.68 24.48 -10.98
N LEU A 201 48.20 23.24 -10.98
CA LEU A 201 47.46 22.76 -12.14
C LEU A 201 45.99 22.69 -11.67
N ARG A 202 45.14 23.38 -12.40
CA ARG A 202 43.72 23.32 -12.09
C ARG A 202 42.91 22.60 -13.17
N CYS A 203 42.09 21.62 -12.84
CA CYS A 203 41.25 20.94 -13.81
C CYS A 203 39.80 21.46 -13.73
N TRP A 204 39.19 21.95 -14.79
CA TRP A 204 37.84 22.48 -14.75
C TRP A 204 36.74 21.67 -15.42
N ALA A 205 35.54 21.71 -14.79
CA ALA A 205 34.37 21.10 -15.43
C ALA A 205 33.27 22.15 -15.38
N LEU A 206 32.80 22.56 -16.58
CA LEU A 206 31.78 23.59 -16.62
C LEU A 206 30.53 23.23 -17.40
N SER A 207 29.48 24.00 -17.05
CA SER A 207 28.22 23.89 -17.82
C SER A 207 27.65 22.51 -17.87
N PHE A 208 27.64 21.74 -16.78
CA PHE A 208 27.15 20.37 -16.78
C PHE A 208 25.84 20.21 -16.05
N TYR A 209 25.07 19.20 -16.35
CA TYR A 209 23.77 18.91 -15.71
C TYR A 209 23.61 17.42 -15.90
N PRO A 210 23.27 16.63 -14.92
CA PRO A 210 22.95 17.09 -13.59
C PRO A 210 24.24 17.32 -12.79
N ALA A 211 24.07 17.74 -11.54
CA ALA A 211 25.15 18.08 -10.62
C ALA A 211 26.12 16.98 -10.21
N GLU A 212 25.70 15.72 -10.13
CA GLU A 212 26.61 14.64 -9.75
C GLU A 212 27.81 14.55 -10.70
N ILE A 213 29.03 14.46 -10.17
CA ILE A 213 30.23 14.38 -11.01
C ILE A 213 31.44 13.93 -10.21
N THR A 214 32.42 13.28 -10.82
CA THR A 214 33.62 12.82 -10.11
C THR A 214 34.81 13.43 -10.85
N LEU A 215 35.57 14.22 -10.12
CA LEU A 215 36.68 14.98 -10.69
C LEU A 215 37.93 14.77 -9.86
N THR A 216 38.89 14.01 -10.39
CA THR A 216 40.02 13.60 -9.52
C THR A 216 41.37 13.78 -10.18
N TRP A 217 42.43 13.90 -9.38
CA TRP A 217 43.77 14.01 -9.96
C TRP A 217 44.53 12.76 -9.56
N GLN A 218 45.42 12.31 -10.47
CA GLN A 218 46.28 11.17 -10.18
C GLN A 218 47.73 11.47 -10.52
N ARG A 219 48.71 10.86 -9.87
CA ARG A 219 50.12 11.06 -10.20
C ARG A 219 50.73 9.68 -10.47
N ASP A 220 51.09 9.40 -11.71
CA ASP A 220 51.48 8.02 -12.07
C ASP A 220 50.35 7.02 -11.90
N GLY A 221 49.10 7.43 -12.06
CA GLY A 221 47.98 6.52 -11.89
C GLY A 221 47.58 6.29 -10.44
N GLU A 222 48.25 6.89 -9.47
CA GLU A 222 47.90 6.73 -8.07
C GLU A 222 47.07 7.94 -7.60
N ASP A 223 46.06 7.66 -6.78
CA ASP A 223 45.17 8.69 -6.27
C ASP A 223 45.92 9.72 -5.44
N GLN A 224 45.54 10.98 -5.60
CA GLN A 224 46.10 12.12 -4.92
C GLN A 224 45.07 12.79 -4.01
N THR A 225 44.11 12.02 -3.56
CA THR A 225 43.01 12.47 -2.71
C THR A 225 43.40 13.51 -1.68
N GLN A 226 44.37 13.13 -0.84
CA GLN A 226 44.88 13.95 0.24
C GLN A 226 45.64 15.19 -0.17
N ASP A 227 46.11 15.22 -1.40
CA ASP A 227 46.90 16.32 -1.94
C ASP A 227 46.13 17.15 -2.96
N THR A 228 44.82 17.00 -3.06
CA THR A 228 44.03 17.75 -4.04
C THR A 228 43.16 18.78 -3.33
N GLU A 229 43.07 19.98 -3.90
CA GLU A 229 42.06 20.93 -3.43
C GLU A 229 40.83 20.76 -4.34
N LEU A 230 39.68 20.46 -3.77
CA LEU A 230 38.47 20.17 -4.52
C LEU A 230 37.34 21.06 -4.05
N VAL A 231 36.78 21.94 -4.88
CA VAL A 231 35.68 22.76 -4.40
C VAL A 231 34.33 22.03 -4.51
N GLU A 232 33.40 22.55 -3.71
CA GLU A 232 32.03 22.01 -3.77
C GLU A 232 31.39 22.36 -5.11
N THR A 233 30.65 21.43 -5.72
CA THR A 233 29.94 21.68 -6.99
C THR A 233 29.06 22.90 -6.78
N ARG A 234 29.11 23.90 -7.65
CA ARG A 234 28.35 25.14 -7.48
C ARG A 234 27.48 25.43 -8.69
N PRO A 235 26.41 26.19 -8.50
CA PRO A 235 25.47 26.52 -9.54
C PRO A 235 25.97 27.68 -10.38
N ALA A 236 25.90 27.60 -11.71
CA ALA A 236 26.35 28.69 -12.57
C ALA A 236 25.29 29.80 -12.60
N GLY A 237 24.03 29.46 -12.35
CA GLY A 237 22.97 30.45 -12.38
C GLY A 237 21.98 30.18 -13.51
N ASP A 238 22.37 29.38 -14.48
CA ASP A 238 21.52 29.16 -15.65
C ASP A 238 20.94 27.76 -15.70
N GLY A 239 21.00 27.03 -14.58
CA GLY A 239 20.48 25.66 -14.60
C GLY A 239 21.66 24.68 -14.74
N THR A 240 22.87 25.19 -14.97
CA THR A 240 23.99 24.26 -15.05
C THR A 240 24.87 24.42 -13.80
N PHE A 241 25.85 23.55 -13.65
CA PHE A 241 26.77 23.46 -12.53
C PHE A 241 28.24 23.52 -12.96
N GLN A 242 29.15 23.77 -11.98
CA GLN A 242 30.58 23.89 -12.18
C GLN A 242 31.36 23.24 -11.05
N LYS A 243 32.63 22.88 -11.30
CA LYS A 243 33.44 22.31 -10.24
C LYS A 243 34.93 22.38 -10.64
N TRP A 244 35.89 22.45 -9.72
CA TRP A 244 37.28 22.34 -10.15
C TRP A 244 38.09 21.54 -9.16
N ALA A 245 39.26 21.06 -9.59
CA ALA A 245 40.16 20.30 -8.73
C ALA A 245 41.62 20.71 -9.01
N ALA A 246 42.42 20.97 -7.98
CA ALA A 246 43.77 21.45 -8.26
C ALA A 246 44.84 20.84 -7.38
N VAL A 247 46.05 20.79 -7.96
CA VAL A 247 47.19 20.17 -7.26
C VAL A 247 48.44 21.02 -7.51
N VAL A 248 49.40 20.93 -6.60
CA VAL A 248 50.64 21.71 -6.72
C VAL A 248 51.72 20.73 -7.19
N VAL A 249 52.19 21.01 -8.38
CA VAL A 249 53.08 20.14 -9.16
C VAL A 249 54.52 20.64 -9.15
N PRO A 250 55.42 19.79 -8.68
CA PRO A 250 56.84 20.10 -8.64
C PRO A 250 57.33 20.28 -10.06
N SER A 251 58.34 21.12 -10.21
CA SER A 251 58.90 21.49 -11.51
C SER A 251 59.40 20.30 -12.31
N GLY A 252 58.99 20.27 -13.57
CA GLY A 252 59.27 19.17 -14.47
C GLY A 252 58.37 17.95 -14.27
N GLN A 253 57.35 18.02 -13.41
CA GLN A 253 56.56 16.79 -13.26
C GLN A 253 55.16 16.93 -13.86
N GLU A 254 54.87 17.96 -14.66
CA GLU A 254 53.48 18.09 -15.18
C GLU A 254 52.98 16.81 -15.82
N GLN A 255 53.78 16.15 -16.67
CA GLN A 255 53.44 14.89 -17.29
C GLN A 255 53.16 13.71 -16.40
N ARG A 256 53.51 13.68 -15.11
CA ARG A 256 53.14 12.59 -14.22
C ARG A 256 51.65 12.67 -13.84
N TYR A 257 51.04 13.83 -13.99
CA TYR A 257 49.67 14.04 -13.50
C TYR A 257 48.54 13.96 -14.51
N THR A 258 47.48 13.22 -14.22
CA THR A 258 46.30 13.11 -15.06
C THR A 258 45.01 13.55 -14.34
N CYS A 259 44.15 14.28 -15.05
CA CYS A 259 42.88 14.70 -14.42
C CYS A 259 41.79 13.76 -14.90
N HIS A 260 41.01 13.16 -14.03
CA HIS A 260 39.95 12.24 -14.37
C HIS A 260 38.54 12.78 -14.14
N VAL A 261 37.69 12.75 -15.15
CA VAL A 261 36.32 13.26 -15.07
C VAL A 261 35.25 12.21 -15.41
N GLN A 262 34.35 11.93 -14.47
CA GLN A 262 33.26 10.99 -14.69
C GLN A 262 31.94 11.78 -14.60
N HIS A 263 31.09 11.59 -15.61
CA HIS A 263 29.82 12.30 -15.67
C HIS A 263 28.85 11.57 -16.62
N GLU A 264 27.59 11.60 -16.26
CA GLU A 264 26.51 10.99 -17.04
C GLU A 264 26.46 11.40 -18.52
N GLY A 265 26.76 12.64 -18.84
CA GLY A 265 26.82 13.17 -20.17
C GLY A 265 28.06 12.80 -20.94
N LEU A 266 28.98 12.03 -20.37
CA LEU A 266 30.14 11.53 -21.08
C LEU A 266 30.01 10.03 -21.33
N PRO A 267 30.23 9.67 -22.59
CA PRO A 267 30.16 8.27 -23.05
C PRO A 267 31.24 7.40 -22.46
N LYS A 268 32.37 8.08 -22.19
CA LYS A 268 33.50 7.41 -21.55
C LYS A 268 34.21 8.43 -20.67
N PRO A 269 34.69 8.01 -19.52
CA PRO A 269 35.38 8.92 -18.61
C PRO A 269 36.53 9.57 -19.36
N LEU A 270 36.79 10.84 -19.11
CA LEU A 270 37.89 11.56 -19.73
C LEU A 270 39.14 11.46 -18.85
N THR A 271 40.28 11.40 -19.54
CA THR A 271 41.60 11.38 -18.93
C THR A 271 42.38 12.53 -19.54
N LEU A 272 42.59 13.63 -18.82
CA LEU A 272 43.30 14.78 -19.33
C LEU A 272 44.71 14.88 -18.70
N ARG A 273 45.64 15.46 -19.45
CA ARG A 273 47.03 15.53 -19.02
C ARG A 273 47.62 16.82 -19.55
N TRP A 274 48.18 17.68 -18.72
CA TRP A 274 48.80 18.90 -19.26
C TRP A 274 49.99 18.49 -20.14
N GLU A 275 50.12 18.84 -21.40
CA GLU A 275 51.19 18.41 -22.29
C GLU A 275 51.10 19.20 -23.61
N MET B 1 22.51 26.29 20.74
CA MET B 1 21.94 25.68 19.51
C MET B 1 23.03 25.68 18.42
N ILE B 2 22.81 24.83 17.42
CA ILE B 2 23.80 24.60 16.38
C ILE B 2 24.06 25.90 15.64
N GLN B 3 25.33 26.11 15.37
CA GLN B 3 25.82 27.25 14.59
C GLN B 3 26.89 26.75 13.61
N ARG B 4 26.65 26.84 12.31
CA ARG B 4 27.59 26.34 11.28
C ARG B 4 27.97 27.48 10.34
N THR B 5 29.23 27.70 10.08
CA THR B 5 29.72 28.83 9.31
C THR B 5 29.73 28.61 7.81
N PRO B 6 29.25 29.62 7.11
CA PRO B 6 29.14 29.62 5.66
C PRO B 6 30.45 29.47 4.91
N LYS B 7 30.46 28.62 3.92
CA LYS B 7 31.52 28.45 2.95
C LYS B 7 31.16 29.44 1.83
N ILE B 8 32.17 30.13 1.29
CA ILE B 8 31.97 31.20 0.36
C ILE B 8 32.76 30.95 -0.92
N GLN B 9 32.09 31.03 -2.07
CA GLN B 9 32.76 30.98 -3.37
C GLN B 9 32.29 32.17 -4.22
N VAL B 10 33.17 32.97 -4.78
CA VAL B 10 32.87 34.12 -5.61
C VAL B 10 33.36 33.86 -7.03
N TYR B 11 32.50 33.90 -8.04
CA TYR B 11 32.90 33.45 -9.38
C TYR B 11 31.94 34.02 -10.41
N SER B 12 32.27 33.87 -11.69
CA SER B 12 31.39 34.28 -12.77
C SER B 12 30.68 33.09 -13.42
N ARG B 13 29.47 33.31 -13.93
CA ARG B 13 28.70 32.31 -14.65
C ARG B 13 29.48 31.77 -15.84
N HIS B 14 30.05 32.65 -16.65
CA HIS B 14 30.85 32.29 -17.79
C HIS B 14 32.30 32.70 -17.57
N PRO B 15 33.21 32.09 -18.32
CA PRO B 15 34.64 32.44 -18.24
C PRO B 15 34.78 33.93 -18.45
N ALA B 16 35.52 34.68 -17.66
CA ALA B 16 35.64 36.12 -17.78
C ALA B 16 36.35 36.57 -19.05
N GLU B 17 35.70 37.42 -19.83
CA GLU B 17 36.30 38.01 -21.03
C GLU B 17 36.05 39.51 -20.98
N ASN B 18 37.10 40.30 -20.90
CA ASN B 18 36.95 41.75 -20.79
C ASN B 18 36.02 42.31 -21.84
N GLY B 19 35.08 43.17 -21.41
CA GLY B 19 34.15 43.83 -22.29
C GLY B 19 32.92 43.02 -22.68
N LYS B 20 32.80 41.77 -22.21
CA LYS B 20 31.65 40.92 -22.50
C LYS B 20 30.75 40.67 -21.29
N SER B 21 29.44 40.80 -21.51
CA SER B 21 28.43 40.68 -20.46
C SER B 21 28.46 39.34 -19.77
N ASN B 22 28.11 39.26 -18.49
CA ASN B 22 28.25 38.00 -17.74
C ASN B 22 27.42 38.09 -16.46
N PHE B 23 27.68 37.22 -15.47
CA PHE B 23 26.98 37.29 -14.20
C PHE B 23 28.03 36.98 -13.11
N LEU B 24 28.02 37.80 -12.09
CA LEU B 24 28.94 37.61 -10.97
C LEU B 24 28.13 36.96 -9.84
N ASN B 25 28.64 35.82 -9.40
CA ASN B 25 27.95 35.03 -8.38
C ASN B 25 28.70 35.01 -7.06
N CYS B 26 28.00 34.92 -5.95
CA CYS B 26 28.48 34.58 -4.64
C CYS B 26 27.63 33.41 -4.11
N TYR B 27 28.16 32.21 -3.98
CA TYR B 27 27.48 31.05 -3.47
C TYR B 27 27.81 30.89 -1.98
N VAL B 28 26.81 30.96 -1.10
CA VAL B 28 27.06 30.72 0.33
C VAL B 28 26.35 29.42 0.70
N SER B 29 27.04 28.50 1.37
CA SER B 29 26.47 27.20 1.68
C SER B 29 27.02 26.65 2.99
N GLY B 30 26.37 25.62 3.51
CA GLY B 30 26.81 24.95 4.74
C GLY B 30 26.58 25.75 6.01
N PHE B 31 25.64 26.69 6.04
CA PHE B 31 25.49 27.51 7.23
C PHE B 31 24.22 27.25 8.03
N HIS B 32 24.23 27.70 9.28
CA HIS B 32 23.04 27.58 10.15
C HIS B 32 23.24 28.48 11.35
N PRO B 33 22.23 29.21 11.83
CA PRO B 33 20.92 29.28 11.22
C PRO B 33 20.86 30.08 9.94
N SER B 34 19.66 30.37 9.44
CA SER B 34 19.51 30.93 8.09
C SER B 34 19.65 32.42 7.95
N ASP B 35 19.47 33.25 8.96
CA ASP B 35 19.72 34.69 8.81
C ASP B 35 21.18 34.82 8.32
N ILE B 36 21.38 35.56 7.25
CA ILE B 36 22.72 35.77 6.71
C ILE B 36 22.72 37.03 5.87
N GLU B 37 23.80 37.79 5.83
CA GLU B 37 23.82 39.03 5.03
C GLU B 37 24.93 38.92 4.00
N VAL B 38 24.57 39.02 2.72
CA VAL B 38 25.53 38.83 1.63
C VAL B 38 25.50 40.00 0.66
N ASP B 39 26.67 40.61 0.43
CA ASP B 39 26.74 41.70 -0.55
C ASP B 39 27.81 41.50 -1.63
N LEU B 40 27.51 42.04 -2.81
CA LEU B 40 28.52 41.99 -3.89
C LEU B 40 29.11 43.39 -4.00
N LEU B 41 30.44 43.48 -4.11
CA LEU B 41 31.10 44.78 -4.16
C LEU B 41 31.83 45.02 -5.48
N LYS B 42 31.82 46.25 -5.97
CA LYS B 42 32.57 46.63 -7.15
C LYS B 42 33.57 47.70 -6.71
N ASN B 43 34.86 47.38 -6.78
CA ASN B 43 35.88 48.29 -6.29
C ASN B 43 35.51 48.81 -4.89
N GLY B 44 35.09 47.97 -3.94
CA GLY B 44 34.74 48.43 -2.61
C GLY B 44 33.32 48.91 -2.36
N GLU B 45 32.52 49.25 -3.36
CA GLU B 45 31.18 49.79 -3.16
C GLU B 45 30.15 48.70 -3.41
N ARG B 46 29.10 48.74 -2.62
CA ARG B 46 28.02 47.76 -2.67
C ARG B 46 27.24 47.84 -3.95
N ILE B 47 27.15 46.73 -4.69
CA ILE B 47 26.30 46.73 -5.88
C ILE B 47 24.83 46.72 -5.45
N GLU B 48 24.01 47.52 -6.10
CA GLU B 48 22.61 47.69 -5.71
C GLU B 48 21.65 46.62 -6.17
N LYS B 49 21.63 46.30 -7.46
CA LYS B 49 20.65 45.32 -7.94
C LYS B 49 21.21 43.91 -7.78
N VAL B 50 21.06 43.32 -6.61
CA VAL B 50 21.59 41.97 -6.38
C VAL B 50 20.41 41.06 -6.06
N GLU B 51 20.28 39.96 -6.77
CA GLU B 51 19.20 39.02 -6.51
C GLU B 51 19.78 37.77 -5.83
N HIS B 52 18.90 36.90 -5.40
CA HIS B 52 19.30 35.64 -4.80
C HIS B 52 18.24 34.56 -5.03
N SER B 53 18.72 33.33 -4.98
CA SER B 53 17.86 32.16 -5.10
C SER B 53 16.99 32.04 -3.86
N ASP B 54 16.06 31.09 -3.95
CA ASP B 54 15.11 30.86 -2.84
C ASP B 54 15.80 29.95 -1.84
N LEU B 55 15.65 30.23 -0.56
CA LEU B 55 16.27 29.46 0.49
C LEU B 55 15.93 27.97 0.39
N SER B 56 16.97 27.15 0.47
CA SER B 56 16.92 25.71 0.44
C SER B 56 18.07 25.16 1.29
N PHE B 57 18.24 23.86 1.41
CA PHE B 57 19.21 23.28 2.33
C PHE B 57 19.60 21.87 1.89
N SER B 58 20.74 21.39 2.37
CA SER B 58 21.29 20.09 2.00
C SER B 58 20.81 18.99 2.96
N LYS B 59 21.36 17.79 2.75
CA LYS B 59 21.04 16.62 3.55
C LYS B 59 21.36 16.76 5.03
N ASP B 60 22.44 17.44 5.39
CA ASP B 60 22.78 17.68 6.78
C ASP B 60 22.06 18.88 7.40
N TRP B 61 21.05 19.45 6.76
CA TRP B 61 20.21 20.54 7.18
C TRP B 61 20.80 21.92 6.96
N SER B 62 22.05 22.02 6.55
CA SER B 62 22.68 23.31 6.36
C SER B 62 22.12 24.00 5.14
N PHE B 63 21.93 25.32 5.28
CA PHE B 63 21.38 26.15 4.20
C PHE B 63 22.32 26.49 3.06
N TYR B 64 21.81 26.91 1.90
CA TYR B 64 22.64 27.40 0.80
C TYR B 64 21.86 28.43 -0.03
N LEU B 65 22.52 29.48 -0.50
CA LEU B 65 21.90 30.49 -1.34
C LEU B 65 22.88 30.89 -2.45
N LEU B 66 22.37 31.28 -3.60
CA LEU B 66 23.11 31.97 -4.63
C LEU B 66 22.73 33.45 -4.76
N TYR B 67 23.69 34.35 -4.59
CA TYR B 67 23.54 35.77 -4.81
C TYR B 67 24.21 36.08 -6.15
N TYR B 68 23.63 36.93 -6.99
CA TYR B 68 24.10 37.17 -8.34
C TYR B 68 23.66 38.50 -8.91
N THR B 69 24.46 39.03 -9.84
CA THR B 69 24.14 40.27 -10.55
C THR B 69 24.84 40.29 -11.89
N GLU B 70 24.27 40.95 -12.88
CA GLU B 70 24.82 41.13 -14.21
C GLU B 70 26.04 42.03 -14.13
N PHE B 71 27.07 41.75 -14.90
CA PHE B 71 28.28 42.56 -14.91
C PHE B 71 29.07 42.25 -16.19
N THR B 72 29.89 43.24 -16.52
CA THR B 72 30.81 43.14 -17.66
C THR B 72 32.22 43.26 -17.12
N PRO B 73 32.98 42.16 -17.06
CA PRO B 73 34.29 42.21 -16.47
C PRO B 73 35.23 43.12 -17.24
N THR B 74 36.21 43.63 -16.54
CA THR B 74 37.21 44.56 -17.12
C THR B 74 38.58 44.26 -16.57
N GLU B 75 39.65 44.80 -17.19
CA GLU B 75 41.00 44.50 -16.70
C GLU B 75 41.23 45.11 -15.31
N LYS B 76 40.72 46.31 -15.12
CA LYS B 76 40.78 47.18 -14.00
C LYS B 76 39.95 46.83 -12.78
N ASP B 77 38.64 46.78 -12.96
CA ASP B 77 37.70 46.60 -11.85
C ASP B 77 37.94 45.36 -11.01
N GLU B 78 37.83 45.56 -9.70
CA GLU B 78 37.95 44.49 -8.73
C GLU B 78 36.56 44.19 -8.15
N TYR B 79 36.27 42.91 -7.92
CA TYR B 79 34.96 42.52 -7.38
C TYR B 79 35.12 41.67 -6.15
N ALA B 80 34.14 41.71 -5.23
CA ALA B 80 34.21 40.84 -4.07
C ALA B 80 32.86 40.53 -3.49
N CYS B 81 32.82 39.54 -2.61
CA CYS B 81 31.62 39.18 -1.85
C CYS B 81 31.92 39.46 -0.37
N ARG B 82 31.00 40.04 0.38
CA ARG B 82 31.20 40.31 1.80
C ARG B 82 30.03 39.68 2.57
N VAL B 83 30.33 38.73 3.44
CA VAL B 83 29.29 37.97 4.13
C VAL B 83 29.27 38.23 5.62
N ASN B 84 28.07 38.30 6.20
CA ASN B 84 27.95 38.40 7.65
C ASN B 84 27.05 37.28 8.16
N HIS B 85 27.33 36.78 9.34
CA HIS B 85 26.51 35.69 9.93
C HIS B 85 26.80 35.56 11.39
N VAL B 86 25.99 34.94 12.24
CA VAL B 86 26.33 34.90 13.68
C VAL B 86 27.64 34.22 14.03
N THR B 87 28.13 33.30 13.21
CA THR B 87 29.39 32.62 13.43
C THR B 87 30.61 33.46 13.04
N LEU B 88 30.45 34.69 12.53
CA LEU B 88 31.61 35.46 12.10
C LEU B 88 31.84 36.67 12.98
N SER B 89 33.02 36.83 13.55
CA SER B 89 33.27 38.03 14.38
C SER B 89 33.00 39.30 13.58
N GLN B 90 33.50 39.34 12.37
CA GLN B 90 33.26 40.46 11.47
C GLN B 90 32.99 39.95 10.05
N PRO B 91 32.47 40.82 9.20
CA PRO B 91 32.25 40.50 7.80
C PRO B 91 33.40 39.75 7.17
N LYS B 92 33.18 38.61 6.53
CA LYS B 92 34.27 37.94 5.83
C LYS B 92 34.19 38.44 4.37
N ILE B 93 35.29 38.93 3.84
CA ILE B 93 35.37 39.43 2.48
C ILE B 93 36.19 38.50 1.59
N VAL B 94 35.57 38.03 0.50
CA VAL B 94 36.28 37.15 -0.42
C VAL B 94 36.29 37.86 -1.80
N LYS B 95 37.46 38.04 -2.32
CA LYS B 95 37.77 38.64 -3.57
C LYS B 95 37.58 37.68 -4.73
N TRP B 96 37.06 38.24 -5.82
CA TRP B 96 36.90 37.49 -7.06
C TRP B 96 38.25 37.39 -7.78
N ASP B 97 38.59 36.17 -8.13
CA ASP B 97 39.79 35.84 -8.89
C ASP B 97 39.26 35.24 -10.18
N ARG B 98 39.60 35.73 -11.38
CA ARG B 98 39.00 35.13 -12.59
C ARG B 98 39.44 33.68 -12.79
N ASP B 99 40.49 33.21 -12.13
CA ASP B 99 40.95 31.83 -12.26
C ASP B 99 40.37 30.86 -11.24
N MET B 100 39.37 31.22 -10.46
CA MET B 100 38.81 30.39 -9.39
C MET B 100 37.27 30.42 -9.38
N TYR C 1 3.90 18.22 -6.84
CA TYR C 1 2.50 18.00 -6.36
C TYR C 1 2.51 17.76 -4.86
N LEU C 2 2.08 18.75 -4.12
CA LEU C 2 2.18 18.69 -2.66
C LEU C 2 1.23 17.67 -2.06
N LYS C 3 1.64 17.14 -0.92
CA LYS C 3 0.81 16.21 -0.15
C LYS C 3 -0.19 17.02 0.68
N GLU C 4 -1.17 16.31 1.19
CA GLU C 4 -2.21 16.85 2.08
C GLU C 4 -2.92 15.67 2.73
N PRO C 5 -3.36 15.70 4.02
CA PRO C 5 -3.16 16.81 4.94
C PRO C 5 -1.75 16.83 5.52
N VAL C 6 -1.48 17.66 6.48
CA VAL C 6 -0.20 17.80 7.15
C VAL C 6 -0.45 17.87 8.66
N HIS C 7 -0.03 16.90 9.43
CA HIS C 7 -0.32 16.83 10.86
C HIS C 7 0.75 17.51 11.71
N GLY C 8 0.31 18.19 12.77
CA GLY C 8 1.22 18.87 13.68
C GLY C 8 2.10 17.95 14.51
N VAL C 9 3.27 18.42 14.95
CA VAL C 9 4.13 17.67 15.86
C VAL C 9 3.51 17.73 17.26
N GLY D 1 -12.29 -5.34 10.20
CA GLY D 1 -13.50 -5.86 9.49
C GLY D 1 -14.37 -6.65 10.48
N SER D 2 -15.59 -6.95 10.07
CA SER D 2 -16.55 -7.65 10.90
C SER D 2 -16.32 -9.16 10.81
N HIS D 3 -16.69 -9.93 11.83
CA HIS D 3 -16.38 -11.35 11.89
C HIS D 3 -17.56 -12.14 12.43
N SER D 4 -17.51 -13.46 12.25
CA SER D 4 -18.55 -14.28 12.84
C SER D 4 -18.00 -15.64 13.26
N MET D 5 -18.71 -16.28 14.20
CA MET D 5 -18.40 -17.64 14.60
C MET D 5 -19.70 -18.43 14.37
N ARG D 6 -19.69 -19.57 13.68
CA ARG D 6 -20.96 -20.26 13.44
C ARG D 6 -20.89 -21.77 13.52
N TYR D 7 -21.89 -22.41 14.12
CA TYR D 7 -21.93 -23.87 14.15
C TYR D 7 -23.13 -24.35 13.31
N PHE D 8 -22.88 -25.32 12.43
CA PHE D 8 -23.86 -25.88 11.53
C PHE D 8 -24.09 -27.34 11.94
N PHE D 9 -25.31 -27.77 12.26
CA PHE D 9 -25.55 -29.12 12.71
C PHE D 9 -26.60 -29.80 11.82
N THR D 10 -26.29 -30.93 11.23
CA THR D 10 -27.14 -31.68 10.33
C THR D 10 -27.41 -33.07 10.94
N SER D 11 -28.68 -33.43 11.01
CA SER D 11 -29.12 -34.70 11.58
C SER D 11 -30.10 -35.39 10.65
N VAL D 12 -29.81 -36.62 10.25
CA VAL D 12 -30.62 -37.36 9.30
C VAL D 12 -31.02 -38.74 9.79
N SER D 13 -32.31 -39.05 9.83
CA SER D 13 -32.72 -40.38 10.28
C SER D 13 -32.56 -41.39 9.14
N ARG D 14 -32.20 -42.60 9.51
CA ARG D 14 -31.89 -43.71 8.64
C ARG D 14 -32.72 -44.92 9.07
N PRO D 15 -33.97 -44.94 8.66
CA PRO D 15 -34.92 -45.97 9.02
C PRO D 15 -34.49 -47.36 8.60
N GLY D 16 -34.24 -48.18 9.61
CA GLY D 16 -33.79 -49.53 9.43
C GLY D 16 -32.30 -49.70 9.23
N ARG D 17 -31.51 -48.66 9.44
CA ARG D 17 -30.05 -48.77 9.24
C ARG D 17 -29.34 -48.40 10.52
N GLY D 18 -30.10 -48.27 11.61
CA GLY D 18 -29.56 -47.94 12.91
C GLY D 18 -29.71 -46.50 13.36
N GLU D 19 -28.64 -45.93 13.93
CA GLU D 19 -28.72 -44.56 14.42
C GLU D 19 -28.65 -43.55 13.29
N PRO D 20 -29.27 -42.40 13.52
CA PRO D 20 -29.28 -41.32 12.55
C PRO D 20 -27.89 -40.75 12.39
N ARG D 21 -27.65 -40.16 11.22
CA ARG D 21 -26.39 -39.50 10.93
C ARG D 21 -26.40 -38.15 11.65
N PHE D 22 -25.29 -37.76 12.23
CA PHE D 22 -25.14 -36.41 12.78
C PHE D 22 -23.78 -35.83 12.40
N ILE D 23 -23.76 -34.69 11.74
CA ILE D 23 -22.54 -33.97 11.44
C ILE D 23 -22.55 -32.59 12.15
N ALA D 24 -21.47 -32.23 12.82
CA ALA D 24 -21.35 -30.89 13.34
C ALA D 24 -20.11 -30.24 12.74
N VAL D 25 -20.20 -28.97 12.32
CA VAL D 25 -19.09 -28.25 11.75
C VAL D 25 -19.08 -26.83 12.32
N GLY D 26 -17.85 -26.37 12.61
CA GLY D 26 -17.69 -25.01 13.15
C GLY D 26 -16.94 -24.14 12.17
N TYR D 27 -17.27 -22.87 12.05
CA TYR D 27 -16.56 -21.92 11.24
C TYR D 27 -16.29 -20.60 11.98
N VAL D 28 -15.21 -19.98 11.57
CA VAL D 28 -14.87 -18.61 11.96
C VAL D 28 -14.79 -17.88 10.64
N ASP D 29 -15.70 -16.97 10.43
CA ASP D 29 -15.79 -16.28 9.15
C ASP D 29 -15.99 -17.36 8.09
N ASP D 30 -15.14 -17.39 7.07
CA ASP D 30 -15.26 -18.37 5.99
C ASP D 30 -14.30 -19.53 6.15
N THR D 31 -13.57 -19.61 7.25
CA THR D 31 -12.64 -20.75 7.46
C THR D 31 -13.19 -21.79 8.42
N GLN D 32 -13.32 -23.05 8.02
CA GLN D 32 -13.80 -24.14 8.85
C GLN D 32 -12.74 -24.56 9.89
N PHE D 33 -13.11 -24.78 11.16
CA PHE D 33 -12.01 -25.07 12.12
C PHE D 33 -12.20 -26.40 12.86
N VAL D 34 -13.43 -26.91 12.98
CA VAL D 34 -13.68 -28.18 13.63
C VAL D 34 -14.80 -28.98 12.94
N ARG D 35 -14.85 -30.27 13.27
CA ARG D 35 -15.88 -31.14 12.76
C ARG D 35 -16.15 -32.29 13.73
N PHE D 36 -17.34 -32.87 13.56
CA PHE D 36 -17.72 -34.07 14.27
C PHE D 36 -18.56 -34.90 13.28
N ASP D 37 -18.20 -36.19 13.18
CA ASP D 37 -19.00 -37.04 12.29
C ASP D 37 -19.41 -38.30 13.03
N SER D 38 -20.71 -38.47 13.24
CA SER D 38 -21.29 -39.65 13.83
C SER D 38 -20.80 -40.97 13.25
N ASP D 39 -20.54 -41.04 11.95
CA ASP D 39 -20.00 -42.22 11.31
C ASP D 39 -18.47 -42.30 11.36
N ALA D 40 -17.72 -41.35 11.88
CA ALA D 40 -16.26 -41.54 11.89
C ALA D 40 -15.88 -42.41 13.07
N ALA D 41 -14.69 -42.99 13.02
CA ALA D 41 -14.22 -43.87 14.07
C ALA D 41 -13.79 -43.19 15.36
N SER D 42 -13.24 -42.00 15.36
CA SER D 42 -12.72 -41.37 16.57
C SER D 42 -13.77 -41.11 17.62
N GLN D 43 -14.91 -40.61 17.14
CA GLN D 43 -16.00 -40.20 18.00
C GLN D 43 -15.55 -38.99 18.81
N ARG D 44 -14.83 -38.07 18.18
CA ARG D 44 -14.35 -36.88 18.86
C ARG D 44 -14.49 -35.63 18.03
N MET D 45 -14.47 -34.46 18.64
CA MET D 45 -14.41 -33.23 17.85
C MET D 45 -13.01 -33.22 17.24
N GLU D 46 -12.82 -32.90 15.98
CA GLU D 46 -11.51 -32.95 15.33
C GLU D 46 -11.17 -31.60 14.72
N PRO D 47 -9.91 -31.24 14.71
CA PRO D 47 -9.46 -29.97 14.17
C PRO D 47 -9.55 -30.01 12.65
N ARG D 48 -9.89 -28.91 12.01
CA ARG D 48 -9.96 -28.84 10.56
C ARG D 48 -9.14 -27.65 10.04
N ALA D 49 -8.35 -27.05 10.92
CA ALA D 49 -7.43 -25.98 10.53
C ALA D 49 -6.23 -26.04 11.50
N PRO D 50 -5.04 -25.81 10.95
CA PRO D 50 -3.81 -25.84 11.71
C PRO D 50 -3.80 -25.02 12.97
N TRP D 51 -4.33 -23.81 12.96
CA TRP D 51 -4.28 -22.94 14.12
C TRP D 51 -5.03 -23.48 15.33
N ILE D 52 -6.04 -24.33 15.17
CA ILE D 52 -6.78 -24.80 16.36
C ILE D 52 -6.09 -26.01 16.94
N GLU D 53 -5.13 -26.57 16.17
CA GLU D 53 -4.40 -27.72 16.67
C GLU D 53 -3.55 -27.41 17.91
N GLN D 54 -3.25 -26.17 18.25
CA GLN D 54 -2.52 -25.76 19.44
C GLN D 54 -3.34 -25.81 20.72
N GLU D 55 -4.65 -25.96 20.64
CA GLU D 55 -5.49 -26.06 21.84
C GLU D 55 -5.13 -27.41 22.45
N GLY D 56 -5.08 -27.58 23.75
CA GLY D 56 -4.69 -28.90 24.27
C GLY D 56 -5.88 -29.80 24.57
N PRO D 57 -5.60 -30.87 25.32
CA PRO D 57 -6.59 -31.87 25.65
C PRO D 57 -7.81 -31.40 26.41
N GLU D 58 -7.70 -30.45 27.35
CA GLU D 58 -8.91 -29.96 28.02
C GLU D 58 -9.87 -29.35 27.01
N TYR D 59 -9.34 -28.58 26.03
CA TYR D 59 -10.18 -27.99 25.00
C TYR D 59 -10.89 -29.09 24.21
N TRP D 60 -10.13 -29.99 23.61
CA TRP D 60 -10.74 -31.05 22.80
C TRP D 60 -11.65 -31.97 23.57
N ASP D 61 -11.31 -32.28 24.83
CA ASP D 61 -12.15 -33.18 25.62
C ASP D 61 -13.49 -32.50 25.92
N GLY D 62 -13.45 -31.22 26.23
CA GLY D 62 -14.65 -30.45 26.47
C GLY D 62 -15.48 -30.31 25.19
N GLU D 63 -14.88 -30.04 24.02
CA GLU D 63 -15.70 -29.89 22.81
C GLU D 63 -16.39 -31.18 22.44
N THR D 64 -15.65 -32.30 22.63
CA THR D 64 -16.12 -33.63 22.32
C THR D 64 -17.31 -33.94 23.23
N ARG D 65 -17.14 -33.68 24.53
CA ARG D 65 -18.23 -33.88 25.50
C ARG D 65 -19.46 -33.09 25.10
N LYS D 66 -19.38 -31.81 24.72
CA LYS D 66 -20.57 -31.05 24.31
C LYS D 66 -21.13 -31.47 22.98
N VAL D 67 -20.31 -31.86 22.00
CA VAL D 67 -20.84 -32.25 20.71
C VAL D 67 -21.65 -33.54 20.82
N LYS D 68 -21.24 -34.48 21.67
CA LYS D 68 -21.96 -35.71 21.91
C LYS D 68 -23.34 -35.38 22.57
N ALA D 69 -23.40 -34.37 23.42
CA ALA D 69 -24.64 -33.92 24.04
C ALA D 69 -25.57 -33.33 23.00
N HIS D 70 -25.04 -32.56 22.05
CA HIS D 70 -25.81 -32.06 20.91
C HIS D 70 -26.41 -33.22 20.11
N SER D 71 -25.55 -34.19 19.76
CA SER D 71 -25.97 -35.35 18.99
C SER D 71 -27.11 -36.09 19.67
N GLN D 72 -26.96 -36.36 20.96
CA GLN D 72 -28.06 -37.00 21.68
C GLN D 72 -29.36 -36.19 21.65
N THR D 73 -29.33 -34.87 21.77
CA THR D 73 -30.56 -34.10 21.73
C THR D 73 -31.17 -34.21 20.35
N HIS D 74 -30.34 -34.20 19.30
CA HIS D 74 -30.85 -34.35 17.95
C HIS D 74 -31.42 -35.74 17.71
N ARG D 75 -30.92 -36.75 18.39
CA ARG D 75 -31.46 -38.11 18.22
C ARG D 75 -32.84 -38.21 18.82
N VAL D 76 -33.11 -37.58 19.95
CA VAL D 76 -34.45 -37.58 20.54
C VAL D 76 -35.36 -36.68 19.72
N ASP D 77 -34.82 -35.54 19.27
CA ASP D 77 -35.60 -34.61 18.47
C ASP D 77 -36.23 -35.27 17.25
N LEU D 78 -35.53 -36.15 16.52
CA LEU D 78 -36.10 -36.71 15.31
C LEU D 78 -37.42 -37.44 15.59
N GLY D 79 -37.50 -38.16 16.68
CA GLY D 79 -38.69 -38.86 17.13
C GLY D 79 -39.77 -37.91 17.63
N THR D 80 -39.40 -36.85 18.34
CA THR D 80 -40.40 -35.89 18.81
C THR D 80 -41.15 -35.25 17.65
N LEU D 81 -40.48 -34.75 16.62
CA LEU D 81 -41.06 -34.12 15.47
C LEU D 81 -41.94 -35.06 14.64
N ARG D 82 -41.42 -36.28 14.49
CA ARG D 82 -42.11 -37.35 13.76
C ARG D 82 -43.45 -37.62 14.43
N GLY D 83 -43.43 -37.65 15.77
CA GLY D 83 -44.67 -37.70 16.53
C GLY D 83 -45.48 -36.42 16.34
N TYR D 84 -44.88 -35.24 16.33
CA TYR D 84 -45.62 -34.00 16.21
C TYR D 84 -46.39 -33.91 14.88
N TYR D 85 -45.80 -34.40 13.80
CA TYR D 85 -46.43 -34.33 12.50
C TYR D 85 -47.15 -35.63 12.16
N ASN D 86 -47.24 -36.55 13.11
CA ASN D 86 -47.88 -37.85 12.89
C ASN D 86 -47.26 -38.47 11.65
N GLN D 87 -45.93 -38.69 11.66
CA GLN D 87 -45.22 -39.21 10.50
C GLN D 87 -44.86 -40.68 10.64
N SER D 88 -44.78 -41.38 9.50
CA SER D 88 -44.38 -42.79 9.48
C SER D 88 -42.93 -42.98 9.92
N GLU D 89 -42.61 -44.12 10.52
CA GLU D 89 -41.26 -44.41 10.98
C GLU D 89 -40.36 -44.94 9.85
N ALA D 90 -40.90 -45.06 8.64
CA ALA D 90 -40.15 -45.49 7.50
C ALA D 90 -39.50 -44.39 6.67
N GLY D 91 -39.94 -43.14 6.75
CA GLY D 91 -39.32 -42.12 5.91
C GLY D 91 -38.11 -41.49 6.59
N SER D 92 -37.18 -41.00 5.79
CA SER D 92 -35.97 -40.36 6.27
C SER D 92 -36.27 -38.87 6.44
N HIS D 93 -36.03 -38.32 7.63
CA HIS D 93 -36.25 -36.89 7.82
C HIS D 93 -34.94 -36.16 8.11
N THR D 94 -34.93 -34.86 7.87
CA THR D 94 -33.80 -34.00 8.12
C THR D 94 -34.07 -32.91 9.14
N VAL D 95 -33.17 -32.81 10.14
CA VAL D 95 -33.14 -31.71 11.07
C VAL D 95 -31.86 -30.88 10.86
N GLN D 96 -31.95 -29.55 10.89
CA GLN D 96 -30.78 -28.69 10.76
C GLN D 96 -30.84 -27.61 11.87
N ARG D 97 -29.67 -27.30 12.45
CA ARG D 97 -29.59 -26.30 13.50
C ARG D 97 -28.40 -25.38 13.23
N MET D 98 -28.58 -24.08 13.33
CA MET D 98 -27.49 -23.15 13.19
C MET D 98 -27.49 -22.12 14.32
N TYR D 99 -26.33 -21.86 14.93
CA TYR D 99 -26.26 -20.80 15.92
C TYR D 99 -24.86 -20.15 15.89
N GLY D 100 -24.79 -18.94 16.42
CA GLY D 100 -23.51 -18.24 16.44
C GLY D 100 -23.74 -16.74 16.60
N CYS D 101 -22.61 -16.01 16.48
CA CYS D 101 -22.62 -14.60 16.69
C CYS D 101 -21.78 -13.86 15.67
N ASP D 102 -22.11 -12.60 15.45
CA ASP D 102 -21.36 -11.64 14.67
C ASP D 102 -20.90 -10.47 15.56
N VAL D 103 -19.72 -9.98 15.23
CA VAL D 103 -19.14 -8.83 15.94
C VAL D 103 -18.73 -7.84 14.83
N GLY D 104 -18.63 -6.57 15.12
CA GLY D 104 -18.31 -5.61 14.07
C GLY D 104 -16.82 -5.39 13.96
N SER D 105 -16.44 -4.25 13.39
CA SER D 105 -15.04 -3.86 13.27
C SER D 105 -14.39 -3.59 14.63
N ASP D 106 -15.14 -3.28 15.66
CA ASP D 106 -14.56 -3.06 17.01
C ASP D 106 -14.47 -4.35 17.79
N TRP D 107 -14.85 -5.49 17.17
CA TRP D 107 -14.86 -6.81 17.78
C TRP D 107 -15.95 -6.92 18.86
N ARG D 108 -16.99 -6.12 18.75
CA ARG D 108 -18.03 -6.13 19.77
C ARG D 108 -19.33 -6.66 19.19
N PHE D 109 -20.03 -7.38 20.04
CA PHE D 109 -21.28 -8.01 19.73
C PHE D 109 -22.15 -7.12 18.85
N LEU D 110 -22.60 -7.66 17.73
CA LEU D 110 -23.52 -7.06 16.80
C LEU D 110 -24.84 -7.81 16.64
N ARG D 111 -24.84 -9.13 16.62
CA ARG D 111 -26.06 -9.92 16.59
C ARG D 111 -25.75 -11.39 16.86
N GLY D 112 -26.79 -12.09 17.27
CA GLY D 112 -26.72 -13.48 17.69
C GLY D 112 -27.90 -14.24 17.10
N TYR D 113 -27.66 -15.49 16.74
CA TYR D 113 -28.63 -16.33 16.06
C TYR D 113 -28.72 -17.73 16.66
N HIS D 114 -29.92 -18.30 16.51
CA HIS D 114 -30.17 -19.66 16.92
C HIS D 114 -31.46 -20.11 16.21
N GLN D 115 -31.28 -20.82 15.09
CA GLN D 115 -32.33 -21.16 14.15
C GLN D 115 -32.45 -22.69 13.99
N TYR D 116 -33.65 -23.13 13.61
CA TYR D 116 -33.86 -24.57 13.49
C TYR D 116 -34.77 -24.91 12.34
N ALA D 117 -34.47 -25.98 11.61
CA ALA D 117 -35.34 -26.33 10.48
C ALA D 117 -35.65 -27.82 10.46
N TYR D 118 -36.82 -28.15 9.94
CA TYR D 118 -37.27 -29.54 9.80
C TYR D 118 -37.57 -29.81 8.33
N ASP D 119 -36.88 -30.78 7.73
CA ASP D 119 -36.97 -31.09 6.33
C ASP D 119 -36.82 -29.90 5.39
N GLY D 120 -35.85 -29.00 5.62
CA GLY D 120 -35.56 -27.87 4.76
C GLY D 120 -36.39 -26.63 4.97
N LYS D 121 -37.32 -26.63 5.92
CA LYS D 121 -38.16 -25.47 6.16
C LYS D 121 -37.95 -24.88 7.56
N ASP D 122 -38.01 -23.57 7.69
CA ASP D 122 -37.96 -22.92 9.00
C ASP D 122 -38.94 -23.58 9.95
N TYR D 123 -38.46 -23.96 11.12
CA TYR D 123 -39.30 -24.57 12.16
C TYR D 123 -39.39 -23.56 13.30
N ILE D 124 -38.24 -23.19 13.89
CA ILE D 124 -38.26 -22.24 15.00
C ILE D 124 -37.01 -21.39 14.97
N ALA D 125 -37.09 -20.10 15.28
CA ALA D 125 -35.92 -19.24 15.30
C ALA D 125 -35.89 -18.21 16.41
N LEU D 126 -34.75 -18.00 17.05
CA LEU D 126 -34.66 -16.95 18.07
C LEU D 126 -34.77 -15.58 17.39
N LYS D 127 -35.58 -14.65 17.87
CA LYS D 127 -35.65 -13.35 17.19
C LYS D 127 -34.43 -12.53 17.58
N GLU D 128 -34.20 -11.43 16.86
CA GLU D 128 -33.03 -10.58 17.05
C GLU D 128 -32.92 -9.99 18.45
N ASP D 129 -34.06 -9.75 19.12
CA ASP D 129 -34.04 -9.25 20.48
C ASP D 129 -33.55 -10.28 21.48
N LEU D 130 -33.32 -11.53 21.10
CA LEU D 130 -32.85 -12.61 21.93
C LEU D 130 -33.77 -12.86 23.12
N ARG D 131 -35.07 -12.63 22.96
CA ARG D 131 -36.04 -12.87 24.02
C ARG D 131 -37.29 -13.60 23.53
N SER D 132 -37.55 -13.52 22.24
CA SER D 132 -38.78 -14.14 21.71
C SER D 132 -38.43 -15.14 20.60
N TRP D 133 -39.41 -15.96 20.30
CA TRP D 133 -39.30 -17.01 19.33
C TRP D 133 -40.35 -16.84 18.24
N THR D 134 -39.98 -17.30 17.08
CA THR D 134 -40.87 -17.32 15.94
C THR D 134 -41.22 -18.79 15.73
N ALA D 135 -42.49 -19.07 15.58
CA ALA D 135 -42.97 -20.42 15.29
C ALA D 135 -44.10 -20.24 14.30
N ALA D 136 -44.03 -20.99 13.25
CA ALA D 136 -44.98 -20.80 12.18
C ALA D 136 -46.14 -21.78 12.23
N ASP D 137 -45.88 -22.95 12.75
CA ASP D 137 -46.94 -23.91 12.80
C ASP D 137 -47.18 -24.29 14.24
N MET D 138 -48.23 -25.04 14.42
CA MET D 138 -48.68 -25.45 15.75
C MET D 138 -47.65 -26.36 16.45
N ALA D 139 -46.98 -27.18 15.66
CA ALA D 139 -45.94 -28.07 16.22
C ALA D 139 -44.83 -27.20 16.80
N ALA D 140 -44.46 -26.20 16.02
CA ALA D 140 -43.41 -25.25 16.42
C ALA D 140 -43.87 -24.44 17.63
N GLN D 141 -45.16 -24.09 17.68
CA GLN D 141 -45.69 -23.34 18.82
C GLN D 141 -45.55 -24.23 20.06
N THR D 142 -45.75 -25.52 19.95
CA THR D 142 -45.53 -26.45 21.02
C THR D 142 -44.08 -26.49 21.49
N THR D 143 -43.09 -26.47 20.60
CA THR D 143 -41.70 -26.32 20.97
C THR D 143 -41.46 -24.96 21.64
N LYS D 144 -42.10 -23.91 21.14
CA LYS D 144 -41.96 -22.58 21.71
C LYS D 144 -42.40 -22.49 23.16
N HIS D 145 -43.55 -23.06 23.51
CA HIS D 145 -44.03 -23.08 24.89
C HIS D 145 -43.07 -23.83 25.81
N LYS D 146 -42.53 -24.94 25.35
CA LYS D 146 -41.54 -25.70 26.11
C LYS D 146 -40.32 -24.86 26.45
N TRP D 147 -39.73 -24.25 25.43
CA TRP D 147 -38.57 -23.41 25.50
C TRP D 147 -38.83 -22.13 26.29
N GLU D 148 -40.06 -21.65 26.24
CA GLU D 148 -40.44 -20.50 27.04
C GLU D 148 -40.46 -20.86 28.52
N ALA D 149 -41.12 -21.97 28.88
CA ALA D 149 -41.20 -22.40 30.28
C ALA D 149 -39.84 -22.71 30.88
N ALA D 150 -38.89 -23.21 30.08
CA ALA D 150 -37.55 -23.54 30.58
C ALA D 150 -36.60 -22.35 30.48
N HIS D 151 -37.09 -21.18 30.05
CA HIS D 151 -36.24 -20.01 29.94
C HIS D 151 -35.03 -20.23 29.06
N VAL D 152 -35.28 -20.82 27.89
CA VAL D 152 -34.23 -21.13 26.95
C VAL D 152 -33.60 -19.88 26.36
N ALA D 153 -34.45 -18.94 25.94
CA ALA D 153 -33.99 -17.72 25.32
C ALA D 153 -32.99 -16.96 26.18
N GLU D 154 -33.25 -16.86 27.49
CA GLU D 154 -32.34 -16.16 28.39
C GLU D 154 -30.99 -16.87 28.43
N GLN D 155 -30.97 -18.20 28.39
CA GLN D 155 -29.72 -18.93 28.43
C GLN D 155 -28.90 -18.71 27.15
N LEU D 156 -29.57 -18.72 26.00
CA LEU D 156 -28.99 -18.46 24.71
C LEU D 156 -28.40 -17.07 24.64
N ARG D 157 -29.06 -16.10 25.27
CA ARG D 157 -28.61 -14.73 25.26
C ARG D 157 -27.29 -14.50 26.00
N ALA D 158 -27.13 -15.13 27.16
CA ALA D 158 -25.87 -15.09 27.90
C ALA D 158 -24.79 -15.77 27.04
N TYR D 159 -25.09 -16.84 26.31
CA TYR D 159 -24.09 -17.49 25.46
C TYR D 159 -23.73 -16.65 24.25
N LEU D 160 -24.68 -16.22 23.44
CA LEU D 160 -24.43 -15.50 22.20
C LEU D 160 -23.81 -14.13 22.42
N GLU D 161 -24.17 -13.43 23.50
CA GLU D 161 -23.59 -12.15 23.81
C GLU D 161 -22.31 -12.24 24.64
N GLY D 162 -22.07 -13.33 25.36
CA GLY D 162 -20.90 -13.43 26.21
C GLY D 162 -19.89 -14.42 25.63
N THR D 163 -19.97 -15.65 26.07
CA THR D 163 -19.09 -16.73 25.66
C THR D 163 -18.82 -16.71 24.16
N CYS D 164 -19.86 -16.65 23.33
CA CYS D 164 -19.65 -16.78 21.88
C CYS D 164 -18.62 -15.77 21.39
N VAL D 165 -18.82 -14.49 21.72
CA VAL D 165 -17.97 -13.39 21.30
C VAL D 165 -16.60 -13.51 21.97
N GLU D 166 -16.57 -13.90 23.25
CA GLU D 166 -15.26 -14.09 23.90
C GLU D 166 -14.37 -15.08 23.13
N TRP D 167 -14.90 -16.22 22.76
CA TRP D 167 -14.17 -17.27 22.09
C TRP D 167 -13.89 -16.93 20.62
N LEU D 168 -14.76 -16.17 19.96
CA LEU D 168 -14.49 -15.65 18.64
C LEU D 168 -13.21 -14.77 18.67
N ARG D 169 -13.14 -13.90 19.65
CA ARG D 169 -12.02 -13.03 19.89
C ARG D 169 -10.75 -13.84 20.15
N ARG D 170 -10.81 -14.85 20.99
CA ARG D 170 -9.66 -15.69 21.31
C ARG D 170 -9.21 -16.39 20.04
N TYR D 171 -10.18 -16.88 19.27
CA TYR D 171 -9.88 -17.55 18.02
C TYR D 171 -9.22 -16.63 17.00
N LEU D 172 -9.71 -15.41 16.83
CA LEU D 172 -9.17 -14.40 15.95
C LEU D 172 -7.73 -14.10 16.34
N GLU D 173 -7.43 -13.93 17.62
CA GLU D 173 -6.09 -13.73 18.14
C GLU D 173 -5.21 -14.94 17.85
N ASN D 174 -5.64 -16.13 18.25
CA ASN D 174 -4.86 -17.34 18.13
C ASN D 174 -4.57 -17.73 16.69
N GLY D 175 -5.54 -17.62 15.80
CA GLY D 175 -5.30 -17.91 14.38
C GLY D 175 -5.06 -16.63 13.56
N LYS D 176 -4.50 -15.60 14.18
CA LYS D 176 -4.22 -14.31 13.58
C LYS D 176 -3.87 -14.36 12.11
N GLU D 177 -2.79 -15.08 11.81
CA GLU D 177 -2.20 -15.19 10.49
C GLU D 177 -3.16 -15.72 9.44
N THR D 178 -3.98 -16.70 9.81
CA THR D 178 -4.99 -17.27 8.93
C THR D 178 -6.21 -16.36 8.85
N LEU D 179 -6.84 -16.09 9.99
CA LEU D 179 -8.13 -15.47 10.11
C LEU D 179 -8.14 -13.96 9.96
N GLN D 180 -7.07 -13.31 10.37
CA GLN D 180 -7.01 -11.85 10.27
C GLN D 180 -6.34 -11.42 8.98
N ARG D 181 -6.19 -12.29 7.98
CA ARG D 181 -5.57 -11.86 6.75
C ARG D 181 -6.64 -11.45 5.74
N THR D 182 -6.29 -10.65 4.74
CA THR D 182 -7.23 -10.48 3.62
C THR D 182 -6.39 -10.75 2.38
N ASP D 183 -6.85 -11.58 1.47
CA ASP D 183 -6.11 -11.85 0.24
C ASP D 183 -6.88 -11.13 -0.88
N ALA D 184 -6.38 -10.03 -1.42
CA ALA D 184 -6.99 -9.33 -2.53
C ALA D 184 -7.08 -10.26 -3.75
N PRO D 185 -8.16 -10.16 -4.51
CA PRO D 185 -8.34 -10.98 -5.68
C PRO D 185 -7.30 -10.77 -6.75
N LYS D 186 -6.85 -11.86 -7.36
CA LYS D 186 -5.99 -11.71 -8.55
C LYS D 186 -6.99 -11.62 -9.72
N THR D 187 -6.96 -10.54 -10.49
CA THR D 187 -7.96 -10.43 -11.59
C THR D 187 -7.39 -10.51 -12.99
N HIS D 188 -8.16 -10.98 -13.95
CA HIS D 188 -7.79 -11.05 -15.37
C HIS D 188 -9.10 -11.23 -16.18
N MET D 189 -9.05 -10.99 -17.48
CA MET D 189 -10.17 -11.12 -18.39
C MET D 189 -9.77 -12.04 -19.55
N THR D 190 -10.69 -12.81 -20.11
CA THR D 190 -10.46 -13.65 -21.27
C THR D 190 -11.48 -13.22 -22.34
N HIS D 191 -11.16 -13.46 -23.58
CA HIS D 191 -11.96 -13.14 -24.76
C HIS D 191 -12.06 -14.37 -25.64
N HIS D 192 -13.24 -14.89 -25.93
CA HIS D 192 -13.37 -16.11 -26.74
C HIS D 192 -14.38 -15.85 -27.86
N ALA D 193 -13.95 -15.89 -29.10
CA ALA D 193 -14.87 -15.67 -30.21
C ALA D 193 -15.93 -16.77 -30.22
N VAL D 194 -17.20 -16.42 -30.11
CA VAL D 194 -18.25 -17.43 -30.16
C VAL D 194 -18.75 -17.63 -31.60
N SER D 195 -18.92 -16.53 -32.29
CA SER D 195 -19.34 -16.48 -33.68
C SER D 195 -18.51 -15.38 -34.36
N ASP D 196 -18.94 -14.93 -35.54
CA ASP D 196 -18.19 -13.88 -36.23
C ASP D 196 -18.68 -12.48 -35.93
N HIS D 197 -19.81 -12.35 -35.23
CA HIS D 197 -20.34 -11.03 -34.91
C HIS D 197 -20.57 -10.81 -33.42
N GLU D 198 -19.97 -11.65 -32.60
CA GLU D 198 -20.03 -11.47 -31.15
C GLU D 198 -18.99 -12.33 -30.44
N ALA D 199 -18.70 -11.93 -29.22
CA ALA D 199 -17.71 -12.66 -28.42
C ALA D 199 -18.01 -12.56 -26.92
N THR D 200 -17.50 -13.59 -26.23
CA THR D 200 -17.66 -13.67 -24.79
C THR D 200 -16.48 -13.00 -24.08
N LEU D 201 -16.79 -12.05 -23.21
CA LEU D 201 -15.79 -11.44 -22.34
C LEU D 201 -16.05 -12.00 -20.92
N ARG D 202 -15.03 -12.64 -20.37
CA ARG D 202 -15.09 -13.15 -19.00
C ARG D 202 -14.18 -12.36 -18.07
N CYS D 203 -14.65 -11.90 -16.93
CA CYS D 203 -13.88 -11.21 -15.92
C CYS D 203 -13.62 -12.14 -14.73
N TRP D 204 -12.38 -12.43 -14.35
CA TRP D 204 -12.06 -13.31 -13.26
C TRP D 204 -11.51 -12.67 -11.98
N ALA D 205 -11.88 -13.25 -10.84
CA ALA D 205 -11.33 -12.89 -9.55
C ALA D 205 -10.95 -14.21 -8.84
N LEU D 206 -9.65 -14.34 -8.55
CA LEU D 206 -9.13 -15.57 -7.99
C LEU D 206 -8.27 -15.37 -6.76
N SER D 207 -8.19 -16.44 -5.97
CA SER D 207 -7.35 -16.47 -4.80
C SER D 207 -7.63 -15.40 -3.78
N PHE D 208 -8.89 -15.07 -3.54
CA PHE D 208 -9.22 -14.02 -2.55
C PHE D 208 -9.73 -14.59 -1.23
N TYR D 209 -9.66 -13.82 -0.15
CA TYR D 209 -10.17 -14.20 1.17
C TYR D 209 -10.43 -12.89 1.93
N PRO D 210 -11.57 -12.66 2.55
CA PRO D 210 -12.65 -13.60 2.64
C PRO D 210 -13.48 -13.67 1.38
N ALA D 211 -14.48 -14.50 1.33
CA ALA D 211 -15.41 -14.72 0.26
C ALA D 211 -16.24 -13.54 -0.24
N GLU D 212 -16.68 -12.62 0.59
CA GLU D 212 -17.56 -11.53 0.12
C GLU D 212 -16.90 -10.72 -0.98
N ILE D 213 -17.56 -10.38 -2.05
CA ILE D 213 -16.93 -9.64 -3.16
C ILE D 213 -18.05 -9.12 -4.06
N THR D 214 -17.82 -8.05 -4.81
CA THR D 214 -18.85 -7.62 -5.80
C THR D 214 -18.11 -7.57 -7.14
N LEU D 215 -18.62 -8.25 -8.13
CA LEU D 215 -17.99 -8.38 -9.44
C LEU D 215 -19.08 -8.13 -10.48
N THR D 216 -18.93 -7.05 -11.22
CA THR D 216 -20.01 -6.61 -12.13
C THR D 216 -19.46 -6.13 -13.49
N TRP D 217 -20.33 -6.14 -14.49
CA TRP D 217 -19.99 -5.59 -15.84
C TRP D 217 -20.90 -4.38 -16.09
N GLN D 218 -20.42 -3.41 -16.81
CA GLN D 218 -21.17 -2.23 -17.24
C GLN D 218 -20.89 -1.99 -18.73
N ARG D 219 -21.85 -1.36 -19.40
CA ARG D 219 -21.68 -0.95 -20.79
C ARG D 219 -21.91 0.56 -20.83
N ASP D 220 -20.92 1.36 -21.19
CA ASP D 220 -21.05 2.81 -21.10
C ASP D 220 -21.30 3.25 -19.66
N GLY D 221 -20.80 2.53 -18.66
CA GLY D 221 -21.01 2.83 -17.27
C GLY D 221 -22.42 2.53 -16.77
N GLU D 222 -23.28 1.91 -17.57
CA GLU D 222 -24.61 1.54 -17.19
C GLU D 222 -24.59 0.04 -16.83
N ASP D 223 -25.35 -0.29 -15.80
CA ASP D 223 -25.41 -1.65 -15.27
C ASP D 223 -26.01 -2.62 -16.28
N GLN D 224 -25.45 -3.82 -16.30
CA GLN D 224 -25.73 -4.88 -17.26
C GLN D 224 -26.19 -6.14 -16.54
N THR D 225 -26.73 -5.90 -15.36
CA THR D 225 -27.21 -6.89 -14.44
C THR D 225 -27.94 -8.06 -15.09
N GLN D 226 -28.98 -7.75 -15.85
CA GLN D 226 -29.79 -8.67 -16.58
C GLN D 226 -29.08 -9.36 -17.73
N ASP D 227 -27.99 -8.83 -18.25
CA ASP D 227 -27.27 -9.40 -19.38
C ASP D 227 -25.97 -10.07 -18.97
N THR D 228 -25.76 -10.29 -17.66
CA THR D 228 -24.51 -10.80 -17.13
C THR D 228 -24.68 -12.22 -16.60
N GLU D 229 -23.76 -13.11 -16.99
CA GLU D 229 -23.80 -14.44 -16.38
C GLU D 229 -22.81 -14.37 -15.21
N LEU D 230 -23.32 -14.64 -14.01
CA LEU D 230 -22.49 -14.48 -12.80
C LEU D 230 -22.52 -15.77 -11.96
N VAL D 231 -21.36 -16.44 -11.78
CA VAL D 231 -21.40 -17.69 -11.03
C VAL D 231 -21.30 -17.43 -9.52
N GLU D 232 -21.80 -18.42 -8.79
CA GLU D 232 -21.72 -18.39 -7.32
C GLU D 232 -20.26 -18.43 -6.85
N THR D 233 -19.87 -17.61 -5.88
CA THR D 233 -18.52 -17.62 -5.31
C THR D 233 -18.18 -19.02 -4.87
N ARG D 234 -17.02 -19.58 -5.24
CA ARG D 234 -16.73 -20.98 -5.01
C ARG D 234 -15.38 -21.15 -4.31
N PRO D 235 -15.23 -22.20 -3.52
CA PRO D 235 -13.98 -22.44 -2.80
C PRO D 235 -12.95 -23.04 -3.75
N ALA D 236 -11.72 -22.50 -3.70
CA ALA D 236 -10.64 -23.10 -4.49
C ALA D 236 -10.09 -24.39 -3.88
N GLY D 237 -10.30 -24.58 -2.59
CA GLY D 237 -9.84 -25.82 -1.93
C GLY D 237 -8.66 -25.53 -1.00
N ASP D 238 -8.07 -24.34 -1.13
CA ASP D 238 -6.92 -24.04 -0.29
C ASP D 238 -7.19 -22.94 0.73
N GLY D 239 -8.46 -22.62 1.00
CA GLY D 239 -8.71 -21.55 1.98
C GLY D 239 -9.00 -20.26 1.21
N THR D 240 -8.81 -20.26 -0.13
CA THR D 240 -9.24 -19.09 -0.90
C THR D 240 -10.47 -19.36 -1.74
N PHE D 241 -11.01 -18.30 -2.38
CA PHE D 241 -12.27 -18.33 -3.13
C PHE D 241 -12.07 -17.77 -4.53
N GLN D 242 -12.97 -18.09 -5.46
CA GLN D 242 -13.02 -17.69 -6.83
C GLN D 242 -14.43 -17.21 -7.27
N LYS D 243 -14.46 -16.37 -8.32
CA LYS D 243 -15.75 -16.03 -8.93
C LYS D 243 -15.55 -15.52 -10.36
N TRP D 244 -16.54 -15.54 -11.24
CA TRP D 244 -16.35 -14.92 -12.56
C TRP D 244 -17.67 -14.30 -13.04
N ALA D 245 -17.57 -13.35 -13.96
CA ALA D 245 -18.75 -12.73 -14.57
C ALA D 245 -18.54 -12.57 -16.08
N ALA D 246 -19.52 -12.84 -16.91
CA ALA D 246 -19.31 -12.73 -18.34
C ALA D 246 -20.51 -12.16 -19.08
N VAL D 247 -20.21 -11.54 -20.21
CA VAL D 247 -21.17 -10.89 -21.08
C VAL D 247 -20.84 -11.24 -22.54
N VAL D 248 -21.86 -11.21 -23.39
CA VAL D 248 -21.68 -11.38 -24.82
C VAL D 248 -21.67 -10.00 -25.45
N VAL D 249 -20.53 -9.74 -26.09
CA VAL D 249 -20.20 -8.48 -26.70
C VAL D 249 -20.32 -8.53 -28.22
N PRO D 250 -21.12 -7.62 -28.76
CA PRO D 250 -21.21 -7.40 -30.20
C PRO D 250 -19.86 -6.91 -30.73
N SER D 251 -19.57 -7.34 -31.96
CA SER D 251 -18.33 -7.06 -32.65
C SER D 251 -18.02 -5.58 -32.73
N GLY D 252 -16.79 -5.24 -32.37
CA GLY D 252 -16.36 -3.85 -32.35
C GLY D 252 -16.84 -3.10 -31.10
N GLN D 253 -17.47 -3.77 -30.12
CA GLN D 253 -17.90 -3.03 -28.95
C GLN D 253 -17.16 -3.38 -27.67
N GLU D 254 -16.05 -4.09 -27.70
CA GLU D 254 -15.33 -4.46 -26.47
C GLU D 254 -15.07 -3.23 -25.61
N GLN D 255 -14.63 -2.13 -26.19
CA GLN D 255 -14.26 -0.92 -25.47
C GLN D 255 -15.40 -0.26 -24.69
N ARG D 256 -16.65 -0.52 -25.00
CA ARG D 256 -17.78 -0.01 -24.28
C ARG D 256 -17.94 -0.69 -22.91
N TYR D 257 -17.38 -1.88 -22.73
CA TYR D 257 -17.56 -2.59 -21.48
C TYR D 257 -16.44 -2.50 -20.42
N THR D 258 -16.88 -2.32 -19.16
CA THR D 258 -15.96 -2.31 -18.03
C THR D 258 -16.28 -3.34 -16.96
N CYS D 259 -15.23 -3.95 -16.38
CA CYS D 259 -15.46 -4.97 -15.35
C CYS D 259 -15.16 -4.30 -14.01
N HIS D 260 -16.08 -4.41 -13.07
CA HIS D 260 -15.93 -3.77 -11.76
C HIS D 260 -15.76 -4.75 -10.63
N VAL D 261 -14.73 -4.56 -9.80
CA VAL D 261 -14.42 -5.45 -8.68
C VAL D 261 -14.33 -4.70 -7.36
N GLN D 262 -15.02 -5.20 -6.34
CA GLN D 262 -15.00 -4.58 -5.02
C GLN D 262 -14.68 -5.70 -4.01
N HIS D 263 -13.69 -5.43 -3.16
CA HIS D 263 -13.23 -6.42 -2.22
C HIS D 263 -12.41 -5.75 -1.12
N GLU D 264 -12.53 -6.32 0.06
CA GLU D 264 -11.84 -5.85 1.25
C GLU D 264 -10.34 -5.73 1.13
N GLY D 265 -9.69 -6.61 0.38
CA GLY D 265 -8.27 -6.60 0.13
C GLY D 265 -7.86 -5.58 -0.90
N LEU D 266 -8.81 -4.87 -1.52
CA LEU D 266 -8.48 -3.86 -2.52
C LEU D 266 -8.66 -2.47 -1.92
N PRO D 267 -7.58 -1.70 -1.94
CA PRO D 267 -7.58 -0.34 -1.44
C PRO D 267 -8.54 0.58 -2.18
N LYS D 268 -8.78 0.27 -3.44
CA LYS D 268 -9.75 1.00 -4.26
C LYS D 268 -10.34 -0.01 -5.24
N PRO D 269 -11.63 0.13 -5.50
CA PRO D 269 -12.32 -0.74 -6.44
C PRO D 269 -11.61 -0.71 -7.79
N LEU D 270 -11.50 -1.83 -8.46
CA LEU D 270 -10.83 -1.91 -9.75
C LEU D 270 -11.85 -1.72 -10.88
N THR D 271 -11.40 -1.11 -11.96
CA THR D 271 -12.13 -0.93 -13.17
C THR D 271 -11.27 -1.47 -14.32
N LEU D 272 -11.64 -2.58 -14.91
CA LEU D 272 -10.91 -3.24 -15.98
C LEU D 272 -11.71 -3.07 -17.28
N ARG D 273 -11.02 -3.02 -18.38
CA ARG D 273 -11.56 -2.80 -19.70
C ARG D 273 -10.70 -3.53 -20.74
N TRP D 274 -11.28 -4.38 -21.55
CA TRP D 274 -10.52 -5.14 -22.54
C TRP D 274 -9.96 -4.10 -23.51
N GLU D 275 -8.67 -4.00 -23.74
CA GLU D 275 -8.11 -3.01 -24.66
C GLU D 275 -6.62 -3.26 -24.94
N MET E 1 -42.07 -33.46 0.64
CA MET E 1 -41.03 -32.71 1.40
C MET E 1 -40.15 -31.99 0.39
N ILE E 2 -39.54 -30.90 0.83
CA ILE E 2 -38.73 -30.07 -0.03
C ILE E 2 -37.66 -30.90 -0.74
N GLN E 3 -37.45 -30.56 -2.01
CA GLN E 3 -36.46 -31.17 -2.88
C GLN E 3 -35.87 -30.07 -3.74
N ARG E 4 -34.59 -29.76 -3.55
CA ARG E 4 -33.91 -28.70 -4.28
C ARG E 4 -32.77 -29.29 -5.11
N THR E 5 -32.62 -28.85 -6.37
CA THR E 5 -31.59 -29.48 -7.21
C THR E 5 -30.25 -28.79 -7.13
N PRO E 6 -29.19 -29.60 -7.09
CA PRO E 6 -27.82 -29.14 -6.98
C PRO E 6 -27.30 -28.34 -8.16
N LYS E 7 -26.61 -27.24 -7.90
CA LYS E 7 -25.94 -26.41 -8.87
C LYS E 7 -24.52 -27.01 -8.91
N ILE E 8 -23.95 -27.11 -10.12
CA ILE E 8 -22.69 -27.79 -10.30
C ILE E 8 -21.70 -26.88 -11.01
N GLN E 9 -20.50 -26.76 -10.42
CA GLN E 9 -19.37 -26.04 -11.00
C GLN E 9 -18.15 -26.96 -11.03
N VAL E 10 -17.51 -27.19 -12.16
CA VAL E 10 -16.34 -28.02 -12.32
C VAL E 10 -15.19 -27.10 -12.73
N TYR E 11 -14.08 -27.10 -11.96
CA TYR E 11 -13.02 -26.12 -12.19
C TYR E 11 -11.74 -26.56 -11.48
N SER E 12 -10.64 -25.89 -11.80
CA SER E 12 -9.35 -26.18 -11.19
C SER E 12 -9.03 -25.14 -10.12
N ARG E 13 -8.24 -25.52 -9.11
CA ARG E 13 -7.82 -24.64 -8.04
C ARG E 13 -6.96 -23.52 -8.60
N HIS E 14 -6.05 -23.86 -9.51
CA HIS E 14 -5.17 -22.89 -10.13
C HIS E 14 -5.41 -22.88 -11.63
N PRO E 15 -5.05 -21.79 -12.29
CA PRO E 15 -5.19 -21.66 -13.74
C PRO E 15 -4.59 -22.86 -14.42
N ALA E 16 -5.23 -23.58 -15.33
CA ALA E 16 -4.67 -24.78 -15.92
C ALA E 16 -3.43 -24.47 -16.76
N GLU E 17 -2.37 -25.23 -16.50
CA GLU E 17 -1.13 -25.14 -17.26
C GLU E 17 -0.68 -26.56 -17.57
N ASN E 18 -0.61 -26.92 -18.85
CA ASN E 18 -0.28 -28.29 -19.21
C ASN E 18 1.05 -28.75 -18.61
N GLY E 19 1.01 -29.95 -18.02
CA GLY E 19 2.16 -30.55 -17.36
C GLY E 19 2.43 -30.08 -15.94
N LYS E 20 1.67 -29.15 -15.38
CA LYS E 20 1.83 -28.66 -14.01
C LYS E 20 0.76 -29.18 -13.06
N SER E 21 1.15 -29.62 -11.87
CA SER E 21 0.27 -30.20 -10.86
C SER E 21 -0.80 -29.22 -10.40
N ASN E 22 -1.97 -29.71 -10.02
CA ASN E 22 -3.09 -28.82 -9.68
C ASN E 22 -4.15 -29.58 -8.91
N PHE E 23 -5.36 -29.06 -8.81
CA PHE E 23 -6.42 -29.79 -8.14
C PHE E 23 -7.68 -29.51 -8.99
N LEU E 24 -8.42 -30.55 -9.26
CA LEU E 24 -9.65 -30.52 -10.00
C LEU E 24 -10.76 -30.59 -8.95
N ASN E 25 -11.62 -29.60 -8.97
CA ASN E 25 -12.75 -29.48 -8.07
C ASN E 25 -14.11 -29.63 -8.74
N CYS E 26 -15.06 -30.16 -7.98
CA CYS E 26 -16.48 -30.18 -8.28
C CYS E 26 -17.21 -29.61 -7.07
N TYR E 27 -17.76 -28.39 -7.17
CA TYR E 27 -18.54 -27.77 -6.13
C TYR E 27 -20.04 -28.00 -6.32
N VAL E 28 -20.74 -28.68 -5.43
CA VAL E 28 -22.18 -28.90 -5.56
C VAL E 28 -22.85 -28.12 -4.42
N SER E 29 -23.86 -27.32 -4.77
CA SER E 29 -24.51 -26.44 -3.80
C SER E 29 -26.00 -26.27 -4.09
N GLY E 30 -26.71 -25.74 -3.09
CA GLY E 30 -28.15 -25.43 -3.24
C GLY E 30 -29.04 -26.65 -3.26
N PHE E 31 -28.62 -27.81 -2.75
CA PHE E 31 -29.46 -28.98 -2.82
C PHE E 31 -30.09 -29.42 -1.50
N HIS E 32 -31.15 -30.24 -1.60
CA HIS E 32 -31.79 -30.84 -0.44
C HIS E 32 -32.68 -31.95 -0.94
N PRO E 33 -32.79 -33.07 -0.23
CA PRO E 33 -32.01 -33.38 0.95
C PRO E 33 -30.53 -33.66 0.70
N SER E 34 -29.81 -34.17 1.68
CA SER E 34 -28.36 -34.23 1.63
C SER E 34 -27.76 -35.45 0.96
N ASP E 35 -28.47 -36.54 0.78
CA ASP E 35 -27.94 -37.70 0.09
C ASP E 35 -27.64 -37.25 -1.36
N ILE E 36 -26.40 -37.40 -1.78
CA ILE E 36 -25.98 -37.00 -3.12
C ILE E 36 -24.81 -37.87 -3.56
N GLU E 37 -24.68 -38.15 -4.85
CA GLU E 37 -23.51 -38.92 -5.34
C GLU E 37 -22.77 -38.06 -6.35
N VAL E 38 -21.47 -37.88 -6.11
CA VAL E 38 -20.63 -37.02 -6.93
C VAL E 38 -19.34 -37.73 -7.32
N ASP E 39 -19.08 -37.83 -8.62
CA ASP E 39 -17.85 -38.43 -9.11
C ASP E 39 -17.09 -37.51 -10.06
N LEU E 40 -15.77 -37.61 -10.03
CA LEU E 40 -14.92 -36.91 -10.99
C LEU E 40 -14.42 -37.94 -12.01
N LEU E 41 -14.47 -37.56 -13.28
CA LEU E 41 -14.10 -38.49 -14.35
C LEU E 41 -12.89 -38.04 -15.16
N LYS E 42 -12.02 -38.98 -15.53
CA LYS E 42 -10.91 -38.66 -16.43
C LYS E 42 -11.13 -39.44 -17.72
N ASN E 43 -11.37 -38.71 -18.80
CA ASN E 43 -11.67 -39.33 -20.08
C ASN E 43 -12.75 -40.39 -19.92
N GLY E 44 -13.80 -40.18 -19.15
CA GLY E 44 -14.89 -41.11 -18.95
C GLY E 44 -14.76 -42.07 -17.78
N GLU E 45 -13.59 -42.22 -17.20
CA GLU E 45 -13.38 -43.19 -16.13
C GLU E 45 -13.40 -42.49 -14.77
N ARG E 46 -14.12 -43.06 -13.85
CA ARG E 46 -14.23 -42.57 -12.48
C ARG E 46 -12.87 -42.50 -11.79
N ILE E 47 -12.52 -41.33 -11.28
CA ILE E 47 -11.25 -41.15 -10.57
C ILE E 47 -11.41 -41.70 -9.15
N GLU E 48 -10.45 -42.48 -8.69
CA GLU E 48 -10.59 -43.22 -7.44
C GLU E 48 -10.34 -42.42 -6.17
N LYS E 49 -9.22 -41.70 -6.08
CA LYS E 49 -8.92 -41.00 -4.83
C LYS E 49 -9.57 -39.61 -4.86
N VAL E 50 -10.85 -39.54 -4.51
CA VAL E 50 -11.54 -38.26 -4.50
C VAL E 50 -11.99 -37.96 -3.07
N GLU E 51 -11.66 -36.79 -2.57
CA GLU E 51 -12.03 -36.38 -1.23
C GLU E 51 -13.12 -35.31 -1.29
N HIS E 52 -13.74 -35.05 -0.17
CA HIS E 52 -14.76 -34.03 -0.10
C HIS E 52 -14.76 -33.34 1.25
N SER E 53 -15.18 -32.08 1.25
CA SER E 53 -15.36 -31.32 2.48
C SER E 53 -16.48 -31.94 3.34
N ASP E 54 -16.54 -31.41 4.55
CA ASP E 54 -17.52 -31.84 5.55
C ASP E 54 -18.86 -31.17 5.22
N LEU E 55 -19.95 -31.89 5.35
CA LEU E 55 -21.28 -31.39 5.05
C LEU E 55 -21.66 -30.16 5.83
N SER E 56 -22.05 -29.11 5.16
CA SER E 56 -22.44 -27.83 5.70
C SER E 56 -23.58 -27.27 4.85
N PHE E 57 -24.12 -26.11 5.14
CA PHE E 57 -25.30 -25.59 4.45
C PHE E 57 -25.39 -24.08 4.56
N SER E 58 -26.14 -23.45 3.66
CA SER E 58 -26.28 -22.01 3.61
C SER E 58 -27.43 -21.46 4.45
N LYS E 59 -27.70 -20.17 4.34
CA LYS E 59 -28.77 -19.51 5.06
C LYS E 59 -30.15 -20.05 4.75
N ASP E 60 -30.41 -20.43 3.50
CA ASP E 60 -31.70 -21.02 3.16
C ASP E 60 -31.79 -22.50 3.43
N TRP E 61 -30.87 -23.13 4.16
CA TRP E 61 -30.87 -24.51 4.58
C TRP E 61 -30.33 -25.44 3.50
N SER E 62 -30.09 -24.97 2.29
CA SER E 62 -29.57 -25.87 1.25
C SER E 62 -28.13 -26.25 1.53
N PHE E 63 -27.81 -27.51 1.21
CA PHE E 63 -26.48 -28.08 1.41
C PHE E 63 -25.42 -27.74 0.37
N TYR E 64 -24.13 -27.81 0.72
CA TYR E 64 -23.06 -27.63 -0.28
C TYR E 64 -21.87 -28.51 0.10
N LEU E 65 -21.16 -29.07 -0.87
CA LEU E 65 -19.94 -29.83 -0.64
C LEU E 65 -18.89 -29.47 -1.71
N LEU E 66 -17.63 -29.66 -1.37
CA LEU E 66 -16.56 -29.63 -2.37
C LEU E 66 -15.94 -31.03 -2.54
N TYR E 67 -15.92 -31.53 -3.77
CA TYR E 67 -15.23 -32.76 -4.12
C TYR E 67 -13.98 -32.32 -4.90
N TYR E 68 -12.85 -32.98 -4.66
CA TYR E 68 -11.58 -32.56 -5.25
C TYR E 68 -10.54 -33.70 -5.29
N THR E 69 -9.62 -33.55 -6.26
CA THR E 69 -8.55 -34.53 -6.43
C THR E 69 -7.36 -33.90 -7.13
N GLU E 70 -6.17 -34.40 -6.83
CA GLU E 70 -4.95 -33.90 -7.44
C GLU E 70 -4.95 -34.31 -8.92
N PHE E 71 -4.45 -33.45 -9.79
CA PHE E 71 -4.37 -33.78 -11.20
C PHE E 71 -3.37 -32.84 -11.89
N THR E 72 -2.87 -33.33 -13.00
CA THR E 72 -1.96 -32.58 -13.85
C THR E 72 -2.62 -32.40 -15.22
N PRO E 73 -3.11 -31.21 -15.52
CA PRO E 73 -3.83 -30.99 -16.77
C PRO E 73 -2.90 -31.16 -17.97
N THR E 74 -3.51 -31.61 -19.05
CA THR E 74 -2.85 -31.92 -20.32
C THR E 74 -3.75 -31.38 -21.46
N GLU E 75 -3.18 -31.29 -22.65
CA GLU E 75 -3.92 -30.75 -23.81
C GLU E 75 -5.01 -31.73 -24.28
N LYS E 76 -4.68 -32.98 -24.04
CA LYS E 76 -5.44 -34.16 -24.50
C LYS E 76 -6.60 -34.59 -23.59
N ASP E 77 -6.29 -34.75 -22.32
CA ASP E 77 -7.21 -35.31 -21.33
C ASP E 77 -8.47 -34.47 -21.09
N GLU E 78 -9.60 -35.15 -21.07
CA GLU E 78 -10.89 -34.50 -20.80
C GLU E 78 -11.32 -34.90 -19.38
N TYR E 79 -11.91 -34.00 -18.63
CA TYR E 79 -12.33 -34.20 -17.25
C TYR E 79 -13.79 -33.75 -17.12
N ALA E 80 -14.50 -34.35 -16.16
CA ALA E 80 -15.89 -34.03 -15.93
C ALA E 80 -16.36 -34.42 -14.54
N CYS E 81 -17.49 -33.84 -14.13
CA CYS E 81 -18.12 -34.18 -12.85
C CYS E 81 -19.46 -34.81 -13.18
N ARG E 82 -19.83 -35.90 -12.53
CA ARG E 82 -21.11 -36.56 -12.73
C ARG E 82 -21.87 -36.62 -11.41
N VAL E 83 -23.04 -36.03 -11.35
CA VAL E 83 -23.78 -35.90 -10.11
C VAL E 83 -25.10 -36.64 -10.14
N ASN E 84 -25.44 -37.34 -9.07
CA ASN E 84 -26.76 -37.96 -8.98
C ASN E 84 -27.45 -37.44 -7.69
N HIS E 85 -28.77 -37.30 -7.73
CA HIS E 85 -29.53 -36.80 -6.60
C HIS E 85 -31.02 -37.09 -6.81
N VAL E 86 -31.91 -37.09 -5.80
CA VAL E 86 -33.30 -37.46 -6.07
C VAL E 86 -33.99 -36.56 -7.08
N THR E 87 -33.67 -35.29 -7.18
CA THR E 87 -34.23 -34.36 -8.13
C THR E 87 -33.77 -34.56 -9.57
N LEU E 88 -32.81 -35.44 -9.87
CA LEU E 88 -32.42 -35.65 -11.28
C LEU E 88 -32.88 -36.98 -11.83
N SER E 89 -33.56 -37.02 -12.97
CA SER E 89 -33.98 -38.24 -13.61
C SER E 89 -32.78 -39.13 -13.95
N GLN E 90 -31.68 -38.54 -14.37
CA GLN E 90 -30.45 -39.29 -14.57
C GLN E 90 -29.23 -38.44 -14.21
N PRO E 91 -28.09 -39.10 -14.09
CA PRO E 91 -26.85 -38.44 -13.73
C PRO E 91 -26.65 -37.19 -14.57
N LYS E 92 -26.31 -36.07 -13.93
CA LYS E 92 -26.01 -34.86 -14.69
C LYS E 92 -24.49 -34.79 -14.83
N ILE E 93 -24.05 -34.73 -16.08
CA ILE E 93 -22.63 -34.66 -16.36
C ILE E 93 -22.22 -33.27 -16.83
N VAL E 94 -21.23 -32.72 -16.13
CA VAL E 94 -20.74 -31.40 -16.47
C VAL E 94 -19.24 -31.51 -16.80
N LYS E 95 -18.89 -31.05 -17.98
CA LYS E 95 -17.54 -31.10 -18.48
C LYS E 95 -16.68 -29.92 -17.99
N TRP E 96 -15.41 -30.27 -17.71
CA TRP E 96 -14.46 -29.26 -17.34
C TRP E 96 -14.00 -28.45 -18.54
N ASP E 97 -14.16 -27.15 -18.43
CA ASP E 97 -13.67 -26.21 -19.47
C ASP E 97 -12.58 -25.40 -18.80
N ARG E 98 -11.35 -25.32 -19.31
CA ARG E 98 -10.32 -24.56 -18.59
C ARG E 98 -10.65 -23.08 -18.45
N ASP E 99 -11.54 -22.53 -19.28
CA ASP E 99 -11.90 -21.12 -19.22
C ASP E 99 -13.11 -20.83 -18.35
N MET E 100 -13.55 -21.74 -17.46
CA MET E 100 -14.74 -21.57 -16.66
C MET E 100 -14.56 -22.11 -15.24
N TYR F 1 -16.11 -22.75 20.35
CA TYR F 1 -16.56 -23.11 21.71
C TYR F 1 -18.06 -23.36 21.76
N LEU F 2 -18.46 -24.61 21.81
CA LEU F 2 -19.85 -25.00 21.82
C LEU F 2 -20.59 -24.56 23.07
N LYS F 3 -21.89 -24.34 22.86
CA LYS F 3 -22.80 -24.04 23.96
C LYS F 3 -23.21 -25.34 24.68
N GLU F 4 -23.73 -25.14 25.87
CA GLU F 4 -24.27 -26.23 26.70
C GLU F 4 -25.14 -25.60 27.80
N PRO F 5 -26.31 -26.17 28.22
CA PRO F 5 -26.90 -27.40 27.67
C PRO F 5 -27.63 -27.16 26.36
N VAL F 6 -28.34 -28.12 25.85
CA VAL F 6 -29.07 -28.08 24.60
C VAL F 6 -30.43 -28.74 24.84
N HIS F 7 -31.50 -28.01 24.72
CA HIS F 7 -32.85 -28.46 25.05
C HIS F 7 -33.61 -28.99 23.85
N GLY F 8 -34.33 -30.10 24.01
CA GLY F 8 -35.06 -30.70 22.93
C GLY F 8 -36.28 -29.90 22.49
N VAL F 9 -36.70 -30.13 21.24
CA VAL F 9 -37.91 -29.54 20.72
C VAL F 9 -39.17 -30.22 21.25
#